data_8JSO
#
_entry.id   8JSO
#
_cell.length_a   1.00
_cell.length_b   1.00
_cell.length_c   1.00
_cell.angle_alpha   90.00
_cell.angle_beta   90.00
_cell.angle_gamma   90.00
#
_symmetry.space_group_name_H-M   'P 1'
#
loop_
_entity.id
_entity.type
_entity.pdbx_description
1 polymer mGs
2 polymer 'Guanine nucleotide-binding protein G(I)/G(S)/G(T) subunit beta-1'
3 polymer 'Soluble cytochrome b562,Trace amine-associated receptor 1'
4 polymer ScFv16
5 polymer 'Guanine nucleotide-binding protein G(I)/G(S)/G(O) subunit gamma-2'
6 non-polymer (2S)-1-phenylpropan-2-amine
#
loop_
_entity_poly.entity_id
_entity_poly.type
_entity_poly.pdbx_seq_one_letter_code
_entity_poly.pdbx_strand_id
1 'polypeptide(L)'
;MGCTLSAEDKAAVERSKMIEKQLQKDKQVYRATHRLLLLGADNSGKSTIVKQMRIYHVNGYSEEECKQYKAVVYSNTIQS
IIAIIRAMGRLKIDFGDSARADDARQLFVLAGAAEEGFMTAELAGVIKRLWKDSGVQACFNRSREYQLNDSAAYYLNDLD
RIAQPNYIPTQQDVLRTRVKTSGIFETKFQVDKVNFHMFDVGAQRDERRKWIQCFNDVTAIIFVVDSSDYNRLQEALNDF
KSIWNNRWLRTISVILFLNKQDLLAEKVLAGKSKIEDYFPEFARYTTPEDATPEPGEDPRVTRAKYFIRDEFLRISTASG
DGRHYCYPHFTCSVDTENARRIFNDCRDIIQRMHLRQYELL
;
A
2 'polypeptide(L)'
;MHHHHLEVLFQGPGSSGSELDQLRQEAEQLKNQIRDARKACADATLSQITNNIDPVGRIQMRTRRTLRGHLAKIYAMHWG
TDSRLLVSASQDGKLIIWDSYTTNKVHAIPLRSSWVMTCAYAPSGNYVACGGLDNICSIYNLKTREGNVRVSRELAGHTG
YLSCCRFLDDNQIVTSSGDTTCALWDIETGQQTTTFTGHTGDVMSLSLAPDTRLFVSGACDASAKLWDVREGMCRQTFTG
HESDINAICFFPNGNAFATGSDDATCRLFDLRADQELMTYSHDNIICGITSVSFSKSGRLLLAGYDDFNCNVWDALKADR
AGVLAGHDNRVSCLGVTDDGMAVATGSWDSFLKIWN
;
B
3 'polypeptide(L)'
;DYKDDDDKHHHHHHHHHHENLYFQGADLEDNWETLNDNLKVIEKADNAAQVKDALTKMRAAALDAQKATPPKLEDKSPDS
PEMKDFRHGFDILVGQIDDALKLANEGKVKEAQAAAEQLKTTRNAYIQKYLMMPFCHNIINISCVKNNWSNDVRASLYSL
MVLIILTTLVGNLIVIVSISHFKQLHTPTNWLIHSMATVDFLLGCLVMPYSMVRSAEHCWYFGEVFCKIHTSTDIMLSSA
SIFHLSFISIDRYYAVCDPLRYKAKMNILVICVMIFISWSVPAVFAFGMIFLELNFKGAEEIYYKHVHCRGGCSVFFSKI
SGVLTFMTSFYIPGSIMLCVYYRIYLIAKEQARLISDANQKLQIGLEMKNGISQSKERKAVKTLGIVMGVFLICWCPFFI
CTVMDPFLHYIIPPTLNDVLIWFGYLNSTFNPMVYAFFYPWFRKALKMMLFGKIFQKDSSRCKLFLELSS
;
R
4 'polypeptide(L)'
;DVQLVESGGGLVQPGGSRKLSCSASGFAFSSFGMHWVRQAPEKGLEWVAYISSGSGTIYYADTVKGRFTISRDDPKNTLF
LQMTSLRSEDTAMYYCVRSIYYYGSSPFDFWGQGTTLTVSSGGGGSGGGGSGGGSSDIVMTQATSSVPVTPGESVSISCR
SSKSLLHSNGNTYLYWFLQRPGQSPQLLIYRMSNLASGVPDRFSGSGSGTAFTLTISRLEAEDVGVYYCMQHLEYPLTFG
AGTKLELKAAA
;
S
5 'polypeptide(L)' MASNNTASIAQARKLVEQLKMEANIDRIKVSKAAADLMAYCEAHAKEDPLLTPVPASENPFREKKFFCAIL Y
#
loop_
_chem_comp.id
_chem_comp.type
_chem_comp.name
_chem_comp.formula
1WE non-polymer (2S)-1-phenylpropan-2-amine 'C9 H13 N'
#
# COMPACT_ATOMS: atom_id res chain seq x y z
N THR A 4 -4.64 -6.79 22.95
CA THR A 4 -5.91 -6.28 23.46
C THR A 4 -6.09 -6.65 24.94
N LEU A 5 -4.96 -6.79 25.65
CA LEU A 5 -5.02 -7.20 27.04
C LEU A 5 -5.74 -6.15 27.90
N SER A 6 -5.40 -4.89 27.74
CA SER A 6 -5.98 -3.82 28.52
C SER A 6 -7.01 -3.05 27.67
N ALA A 7 -7.58 -2.00 28.26
CA ALA A 7 -8.54 -1.17 27.53
C ALA A 7 -7.86 -0.26 26.52
N GLU A 8 -6.62 0.15 26.80
CA GLU A 8 -5.90 1.01 25.87
C GLU A 8 -5.70 0.31 24.54
N ASP A 9 -5.32 -0.96 24.57
CA ASP A 9 -5.10 -1.70 23.32
C ASP A 9 -6.42 -1.91 22.58
N LYS A 10 -7.52 -2.10 23.32
CA LYS A 10 -8.83 -2.20 22.67
C LYS A 10 -9.18 -0.91 21.95
N ALA A 11 -8.95 0.24 22.59
CA ALA A 11 -9.23 1.51 21.92
C ALA A 11 -8.30 1.71 20.73
N ALA A 12 -7.04 1.28 20.86
CA ALA A 12 -6.10 1.39 19.75
C ALA A 12 -6.55 0.57 18.54
N VAL A 13 -6.99 -0.66 18.77
CA VAL A 13 -7.43 -1.47 17.64
C VAL A 13 -8.76 -0.97 17.10
N GLU A 14 -9.58 -0.32 17.92
CA GLU A 14 -10.76 0.35 17.40
C GLU A 14 -10.37 1.46 16.43
N ARG A 15 -9.40 2.29 16.81
CA ARG A 15 -8.94 3.35 15.93
C ARG A 15 -8.35 2.78 14.64
N SER A 16 -7.58 1.70 14.76
CA SER A 16 -7.04 1.03 13.59
C SER A 16 -8.15 0.51 12.68
N LYS A 17 -9.23 -0.02 13.25
CA LYS A 17 -10.34 -0.51 12.45
C LYS A 17 -11.01 0.63 11.68
N MET A 18 -11.19 1.78 12.33
CA MET A 18 -11.74 2.93 11.61
C MET A 18 -10.83 3.36 10.48
N ILE A 19 -9.51 3.37 10.72
CA ILE A 19 -8.58 3.73 9.65
C ILE A 19 -8.66 2.74 8.51
N GLU A 20 -8.83 1.45 8.82
CA GLU A 20 -8.96 0.43 7.79
C GLU A 20 -10.21 0.67 6.94
N LYS A 21 -11.33 1.01 7.59
CA LYS A 21 -12.55 1.28 6.83
C LYS A 21 -12.35 2.47 5.89
N GLN A 22 -11.73 3.54 6.39
CA GLN A 22 -11.49 4.69 5.53
C GLN A 22 -10.59 4.33 4.35
N LEU A 23 -9.53 3.55 4.61
CA LEU A 23 -8.61 3.18 3.54
C LEU A 23 -9.29 2.30 2.49
N GLN A 24 -10.16 1.38 2.91
CA GLN A 24 -10.81 0.54 1.91
C GLN A 24 -11.83 1.35 1.10
N LYS A 25 -12.48 2.33 1.71
CA LYS A 25 -13.33 3.23 0.92
C LYS A 25 -12.51 3.99 -0.12
N ASP A 26 -11.35 4.51 0.28
CA ASP A 26 -10.51 5.23 -0.66
C ASP A 26 -10.00 4.30 -1.76
N LYS A 27 -9.74 3.03 -1.43
CA LYS A 27 -9.33 2.08 -2.45
C LYS A 27 -10.45 1.82 -3.45
N GLN A 28 -11.69 1.75 -2.96
CA GLN A 28 -12.82 1.58 -3.88
C GLN A 28 -12.92 2.78 -4.81
N VAL A 29 -12.66 3.98 -4.30
CA VAL A 29 -12.69 5.18 -5.14
C VAL A 29 -11.53 5.16 -6.15
N TYR A 30 -10.38 4.68 -5.71
CA TYR A 30 -9.14 4.67 -6.49
C TYR A 30 -9.12 3.61 -7.59
N ARG A 31 -9.80 2.49 -7.39
CA ARG A 31 -9.70 1.34 -8.28
C ARG A 31 -10.52 1.49 -9.55
N ALA A 32 -11.46 2.42 -9.60
CA ALA A 32 -12.31 2.63 -10.77
C ALA A 32 -12.02 3.98 -11.43
N THR A 33 -10.75 4.33 -11.57
CA THR A 33 -10.34 5.57 -12.21
C THR A 33 -9.15 5.28 -13.11
N HIS A 34 -9.14 5.88 -14.30
CA HIS A 34 -8.07 5.70 -15.27
C HIS A 34 -7.22 6.95 -15.33
N ARG A 35 -5.90 6.78 -15.27
CA ARG A 35 -4.96 7.89 -15.19
C ARG A 35 -4.19 8.01 -16.49
N LEU A 36 -4.05 9.24 -17.00
CA LEU A 36 -3.44 9.50 -18.28
C LEU A 36 -2.41 10.62 -18.16
N LEU A 37 -1.27 10.46 -18.81
CA LEU A 37 -0.26 11.49 -18.87
C LEU A 37 -0.60 12.44 -20.03
N LEU A 38 0.07 13.59 -20.10
CA LEU A 38 -0.17 14.51 -21.21
C LEU A 38 1.15 15.08 -21.71
N LEU A 39 2.08 14.20 -22.06
CA LEU A 39 3.37 14.66 -22.58
C LEU A 39 3.18 15.44 -23.88
N GLY A 40 4.15 16.29 -24.19
CA GLY A 40 4.10 17.05 -25.42
C GLY A 40 5.19 18.10 -25.55
N ALA A 41 4.80 19.30 -25.97
CA ALA A 41 5.77 20.37 -26.22
C ALA A 41 5.21 21.73 -25.82
N ASP A 42 5.87 22.81 -26.24
CA ASP A 42 5.50 24.17 -25.83
C ASP A 42 4.60 24.84 -26.86
N ASN A 43 5.03 24.92 -28.13
CA ASN A 43 4.21 25.56 -29.15
C ASN A 43 2.92 24.79 -29.39
N SER A 44 2.90 23.50 -29.07
CA SER A 44 1.68 22.71 -29.17
C SER A 44 0.61 23.25 -28.23
N GLY A 45 -0.64 23.16 -28.65
CA GLY A 45 -1.72 23.74 -27.88
C GLY A 45 -2.15 22.95 -26.67
N LYS A 46 -1.21 22.69 -25.75
CA LYS A 46 -1.59 22.05 -24.49
C LYS A 46 -2.58 22.90 -23.70
N SER A 47 -2.30 24.19 -23.59
CA SER A 47 -3.13 25.06 -22.76
C SER A 47 -4.56 25.09 -23.29
N THR A 48 -4.71 25.25 -24.60
CA THR A 48 -6.05 25.32 -25.18
C THR A 48 -6.85 24.06 -24.90
N ILE A 49 -6.26 22.89 -25.20
CA ILE A 49 -7.00 21.64 -25.03
C ILE A 49 -7.31 21.38 -23.55
N VAL A 50 -6.34 21.67 -22.67
CA VAL A 50 -6.55 21.36 -21.25
C VAL A 50 -7.61 22.28 -20.66
N LYS A 51 -7.73 23.50 -21.20
CA LYS A 51 -8.82 24.37 -20.79
C LYS A 51 -10.15 23.89 -21.37
N GLN A 52 -10.13 23.37 -22.60
CA GLN A 52 -11.37 23.00 -23.26
C GLN A 52 -11.98 21.74 -22.65
N MET A 53 -11.16 20.82 -22.13
CA MET A 53 -11.73 19.70 -21.39
C MET A 53 -12.46 20.17 -20.14
N ARG A 54 -11.88 21.14 -19.43
CA ARG A 54 -12.49 21.74 -18.25
C ARG A 54 -12.82 20.70 -17.18
N LYS A 180 3.94 30.98 -9.90
CA LYS A 180 3.63 29.62 -9.48
C LYS A 180 4.47 28.62 -10.25
N THR A 181 5.28 27.85 -9.52
CA THR A 181 6.17 26.85 -10.12
C THR A 181 5.66 25.42 -9.92
N SER A 182 4.37 25.24 -9.65
CA SER A 182 3.82 23.91 -9.43
C SER A 182 4.07 23.01 -10.63
N GLY A 183 4.51 21.78 -10.38
CA GLY A 183 4.87 20.86 -11.45
C GLY A 183 3.76 19.98 -11.96
N ILE A 184 2.61 19.94 -11.29
CA ILE A 184 1.47 19.15 -11.73
C ILE A 184 0.23 20.05 -11.76
N PHE A 185 -0.50 20.01 -12.87
CA PHE A 185 -1.73 20.77 -13.03
C PHE A 185 -2.89 19.82 -13.29
N GLU A 186 -2.98 18.76 -12.47
CA GLU A 186 -3.95 17.69 -12.66
C GLU A 186 -5.35 18.23 -12.93
N THR A 187 -6.00 17.64 -13.94
CA THR A 187 -7.35 18.01 -14.32
C THR A 187 -8.18 16.75 -14.47
N LYS A 188 -9.46 16.86 -14.16
CA LYS A 188 -10.38 15.73 -14.19
C LYS A 188 -11.51 16.01 -15.18
N PHE A 189 -11.99 14.94 -15.81
CA PHE A 189 -13.15 15.04 -16.68
C PHE A 189 -13.83 13.68 -16.73
N GLN A 190 -15.11 13.68 -17.09
CA GLN A 190 -15.95 12.50 -17.04
C GLN A 190 -16.78 12.39 -18.29
N VAL A 191 -16.73 11.24 -18.95
CA VAL A 191 -17.59 10.92 -20.09
C VAL A 191 -18.13 9.52 -19.91
N ASP A 192 -19.46 9.38 -20.03
CA ASP A 192 -20.14 8.08 -19.87
C ASP A 192 -19.76 7.41 -18.56
N LYS A 193 -19.86 8.17 -17.46
CA LYS A 193 -19.70 7.64 -16.11
C LYS A 193 -18.28 7.16 -15.81
N VAL A 194 -17.36 7.30 -16.76
CA VAL A 194 -15.98 6.92 -16.50
C VAL A 194 -15.17 8.15 -16.07
N ASN A 195 -14.15 7.91 -15.25
CA ASN A 195 -13.36 8.99 -14.65
C ASN A 195 -11.94 8.92 -15.18
N PHE A 196 -11.46 10.03 -15.74
CA PHE A 196 -10.10 10.14 -16.26
C PHE A 196 -9.36 11.26 -15.53
N HIS A 197 -8.06 11.06 -15.31
CA HIS A 197 -7.21 12.04 -14.64
C HIS A 197 -6.15 12.53 -15.62
N MET A 198 -6.03 13.85 -15.76
CA MET A 198 -5.15 14.45 -16.77
C MET A 198 -3.91 14.99 -16.07
N PHE A 199 -2.92 14.12 -15.91
CA PHE A 199 -1.69 14.51 -15.22
C PHE A 199 -0.80 15.37 -16.10
N ASP A 200 -1.22 16.60 -16.38
CA ASP A 200 -0.44 17.50 -17.22
C ASP A 200 0.87 17.87 -16.52
N VAL A 201 1.97 17.78 -17.25
CA VAL A 201 3.28 18.16 -16.72
C VAL A 201 3.29 19.68 -16.53
N GLY A 202 4.11 20.15 -15.60
CA GLY A 202 4.17 21.57 -15.27
C GLY A 202 5.55 22.13 -15.52
N ALA A 203 5.97 23.04 -14.64
CA ALA A 203 7.23 23.76 -14.80
C ALA A 203 8.41 22.97 -14.22
N GLN A 204 8.67 21.82 -14.83
CA GLN A 204 9.84 21.03 -14.47
C GLN A 204 11.04 21.45 -15.30
N ARG A 205 12.13 20.69 -15.26
CA ARG A 205 13.30 20.95 -16.07
C ARG A 205 13.16 20.16 -17.37
N ASP A 206 14.01 20.48 -18.35
CA ASP A 206 13.92 19.82 -19.65
C ASP A 206 14.24 18.33 -19.54
N GLU A 207 15.10 17.94 -18.60
CA GLU A 207 15.46 16.54 -18.44
C GLU A 207 14.26 15.75 -17.93
N ARG A 208 14.02 14.59 -18.55
CA ARG A 208 12.78 13.84 -18.37
C ARG A 208 13.07 12.36 -18.18
N ARG A 209 14.01 12.03 -17.29
CA ARG A 209 14.36 10.63 -17.08
C ARG A 209 14.04 10.12 -15.69
N LYS A 210 14.16 10.96 -14.66
CA LYS A 210 14.01 10.51 -13.28
C LYS A 210 12.59 10.62 -12.74
N TRP A 211 11.67 11.22 -13.47
CA TRP A 211 10.26 11.27 -13.06
C TRP A 211 9.37 10.63 -14.11
N ILE A 212 9.93 9.73 -14.91
CA ILE A 212 9.17 9.06 -15.96
C ILE A 212 8.90 7.62 -15.55
N GLN A 213 9.82 7.03 -14.79
CA GLN A 213 9.60 5.67 -14.29
C GLN A 213 8.49 5.64 -13.24
N CYS A 214 8.18 6.79 -12.64
CA CYS A 214 7.09 6.87 -11.68
C CYS A 214 5.74 6.60 -12.33
N PHE A 215 5.63 6.75 -13.65
CA PHE A 215 4.39 6.55 -14.38
C PHE A 215 4.43 5.17 -15.04
N ASN A 216 3.97 4.16 -14.29
CA ASN A 216 3.86 2.81 -14.81
C ASN A 216 2.45 2.25 -14.65
N ASP A 217 1.56 2.96 -13.96
CA ASP A 217 0.18 2.55 -13.80
C ASP A 217 -0.77 3.28 -14.74
N VAL A 218 -0.27 4.21 -15.55
CA VAL A 218 -1.11 4.99 -16.44
C VAL A 218 -1.66 4.08 -17.53
N THR A 219 -2.70 4.53 -18.23
CA THR A 219 -3.34 3.76 -19.27
C THR A 219 -2.88 4.13 -20.67
N ALA A 220 -2.58 5.40 -20.92
CA ALA A 220 -2.15 5.86 -22.24
C ALA A 220 -1.42 7.19 -22.05
N ILE A 221 -0.89 7.72 -23.15
CA ILE A 221 -0.15 8.98 -23.13
C ILE A 221 -0.61 9.86 -24.29
N ILE A 222 -1.17 11.02 -23.99
CA ILE A 222 -1.64 11.93 -25.02
C ILE A 222 -0.48 12.81 -25.49
N PHE A 223 0.11 12.46 -26.62
CA PHE A 223 1.28 13.17 -27.14
C PHE A 223 0.84 14.22 -28.16
N VAL A 224 0.47 15.39 -27.64
CA VAL A 224 0.04 16.50 -28.49
C VAL A 224 1.21 17.00 -29.32
N VAL A 225 0.97 17.29 -30.60
CA VAL A 225 2.01 17.75 -31.51
C VAL A 225 1.44 18.86 -32.37
N ASP A 226 2.24 19.91 -32.58
CA ASP A 226 1.87 21.02 -33.43
C ASP A 226 2.40 20.77 -34.83
N SER A 227 1.53 20.90 -35.83
CA SER A 227 1.87 20.62 -37.21
C SER A 227 1.70 21.86 -38.10
N SER A 228 2.13 23.02 -37.60
CA SER A 228 2.07 24.25 -38.38
C SER A 228 3.35 25.06 -38.18
N ASP A 229 4.50 24.37 -38.13
CA ASP A 229 5.77 25.05 -37.95
C ASP A 229 6.84 24.66 -38.96
N TYR A 230 6.82 23.45 -39.52
CA TYR A 230 7.71 23.00 -40.58
C TYR A 230 9.15 22.83 -40.12
N ASN A 231 9.45 23.26 -38.89
CA ASN A 231 10.84 23.20 -38.42
C ASN A 231 10.91 22.53 -37.04
N ARG A 232 9.86 22.66 -36.23
CA ARG A 232 9.82 21.94 -34.96
C ARG A 232 9.44 20.47 -35.17
N LEU A 233 9.13 20.09 -36.42
CA LEU A 233 8.72 18.73 -36.70
C LEU A 233 9.82 17.73 -36.35
N GLN A 234 11.07 18.05 -36.70
CA GLN A 234 12.16 17.12 -36.43
C GLN A 234 12.34 16.89 -34.93
N GLU A 235 12.26 17.97 -34.15
CA GLU A 235 12.35 17.82 -32.69
C GLU A 235 11.17 17.03 -32.16
N ALA A 236 9.99 17.22 -32.74
CA ALA A 236 8.83 16.43 -32.31
C ALA A 236 9.04 14.94 -32.59
N LEU A 237 9.60 14.62 -33.76
CA LEU A 237 9.91 13.22 -34.05
C LEU A 237 10.95 12.66 -33.09
N ASN A 238 11.97 13.45 -32.76
CA ASN A 238 12.97 12.99 -31.81
C ASN A 238 12.34 12.71 -30.45
N ASP A 239 11.45 13.59 -30.00
CA ASP A 239 10.78 13.41 -28.71
C ASP A 239 9.90 12.17 -28.73
N PHE A 240 9.17 11.96 -29.83
CA PHE A 240 8.32 10.78 -29.92
C PHE A 240 9.16 9.50 -29.93
N LYS A 241 10.28 9.52 -30.65
CA LYS A 241 11.18 8.37 -30.64
C LYS A 241 11.76 8.10 -29.26
N SER A 242 12.06 9.14 -28.50
CA SER A 242 12.50 8.98 -27.11
C SER A 242 11.41 8.40 -26.21
N ILE A 243 10.15 8.80 -26.41
CA ILE A 243 9.04 8.28 -25.61
C ILE A 243 8.68 6.84 -25.97
N TRP A 244 8.77 6.46 -27.24
CA TRP A 244 8.36 5.15 -27.71
C TRP A 244 9.40 4.07 -27.42
N ASN A 245 10.56 4.44 -26.88
CA ASN A 245 11.61 3.48 -26.62
C ASN A 245 12.08 3.43 -25.17
N ASN A 246 11.51 4.23 -24.26
CA ASN A 246 11.89 4.16 -22.86
C ASN A 246 11.53 2.80 -22.29
N ARG A 247 12.45 2.24 -21.48
CA ARG A 247 12.25 0.91 -20.92
C ARG A 247 11.07 0.89 -19.96
N TRP A 248 10.93 1.94 -19.14
CA TRP A 248 9.82 2.00 -18.19
C TRP A 248 8.50 2.22 -18.91
N LEU A 249 8.50 3.06 -19.95
CA LEU A 249 7.28 3.34 -20.69
C LEU A 249 7.02 2.27 -21.73
N ARG A 250 6.99 1.01 -21.30
CA ARG A 250 6.66 -0.11 -22.16
C ARG A 250 5.36 -0.73 -21.67
N THR A 251 4.61 -1.32 -22.62
CA THR A 251 3.22 -1.75 -22.43
C THR A 251 2.30 -0.56 -22.14
N ILE A 252 2.73 0.65 -22.48
CA ILE A 252 1.92 1.85 -22.35
C ILE A 252 1.67 2.37 -23.76
N SER A 253 0.41 2.37 -24.19
CA SER A 253 0.07 2.82 -25.53
C SER A 253 0.14 4.33 -25.61
N VAL A 254 0.13 4.85 -26.84
CA VAL A 254 0.27 6.29 -27.09
C VAL A 254 -0.90 6.74 -27.94
N ILE A 255 -1.57 7.81 -27.53
CA ILE A 255 -2.64 8.40 -28.33
C ILE A 255 -2.14 9.69 -28.94
N LEU A 256 -1.53 9.60 -30.11
CA LEU A 256 -0.92 10.77 -30.74
C LEU A 256 -2.00 11.73 -31.22
N PHE A 257 -1.71 13.03 -31.16
CA PHE A 257 -2.61 14.06 -31.65
C PHE A 257 -1.89 14.93 -32.66
N LEU A 258 -2.63 15.39 -33.68
CA LEU A 258 -2.17 16.44 -34.57
C LEU A 258 -3.01 17.68 -34.28
N ASN A 259 -2.35 18.83 -34.19
CA ASN A 259 -3.03 20.06 -33.78
C ASN A 259 -2.79 21.16 -34.79
N LYS A 260 -3.66 22.19 -34.74
CA LYS A 260 -3.58 23.37 -35.58
C LYS A 260 -3.67 23.01 -37.06
N GLN A 261 -4.77 22.37 -37.45
CA GLN A 261 -4.95 21.99 -38.85
C GLN A 261 -5.28 23.19 -39.72
N ASP A 262 -6.09 24.13 -39.19
CA ASP A 262 -6.48 25.29 -39.97
C ASP A 262 -5.28 26.15 -40.34
N LEU A 263 -4.33 26.29 -39.42
CA LEU A 263 -3.13 27.05 -39.70
C LEU A 263 -2.32 26.40 -40.82
N LEU A 264 -2.22 25.07 -40.80
CA LEU A 264 -1.53 24.37 -41.87
C LEU A 264 -2.22 24.56 -43.20
N ALA A 265 -3.56 24.48 -43.21
CA ALA A 265 -4.30 24.69 -44.44
C ALA A 265 -4.08 26.10 -44.99
N GLU A 266 -4.11 27.10 -44.11
CA GLU A 266 -3.88 28.47 -44.53
C GLU A 266 -2.46 28.64 -45.10
N LYS A 267 -1.48 28.01 -44.45
CA LYS A 267 -0.11 28.07 -44.96
C LYS A 267 0.00 27.43 -46.34
N VAL A 268 -0.70 26.31 -46.56
CA VAL A 268 -0.71 25.70 -47.88
C VAL A 268 -1.34 26.63 -48.90
N LEU A 269 -2.44 27.27 -48.54
CA LEU A 269 -3.04 28.27 -49.44
C LEU A 269 -2.12 29.45 -49.65
N ALA A 270 -1.43 29.90 -48.60
CA ALA A 270 -0.54 31.05 -48.73
C ALA A 270 0.68 30.74 -49.59
N GLY A 271 1.15 29.49 -49.55
CA GLY A 271 2.33 29.15 -50.32
C GLY A 271 3.59 29.56 -49.58
N LYS A 272 4.49 30.27 -50.28
CA LYS A 272 5.74 30.74 -49.72
C LYS A 272 6.53 29.59 -49.10
N SER A 273 6.42 29.42 -47.79
CA SER A 273 7.07 28.30 -47.11
C SER A 273 6.54 26.98 -47.63
N LYS A 274 7.46 26.06 -47.93
CA LYS A 274 7.14 24.77 -48.52
C LYS A 274 7.77 23.66 -47.70
N ILE A 275 7.18 22.47 -47.77
CA ILE A 275 7.76 21.30 -47.11
C ILE A 275 9.10 20.95 -47.74
N GLU A 276 9.23 21.15 -49.05
CA GLU A 276 10.48 20.82 -49.74
C GLU A 276 11.66 21.60 -49.21
N ASP A 277 11.40 22.77 -48.60
CA ASP A 277 12.48 23.55 -48.00
C ASP A 277 13.14 22.77 -46.86
N TYR A 278 12.34 22.06 -46.07
CA TYR A 278 12.86 21.30 -44.92
C TYR A 278 12.83 19.80 -45.23
N PHE A 279 11.74 19.28 -45.77
CA PHE A 279 11.65 17.87 -46.14
C PHE A 279 11.50 17.74 -47.64
N PRO A 280 12.59 17.44 -48.38
CA PRO A 280 12.49 17.32 -49.84
C PRO A 280 11.75 16.08 -50.31
N GLU A 281 11.38 15.17 -49.41
CA GLU A 281 10.71 13.94 -49.80
C GLU A 281 9.23 14.13 -50.10
N PHE A 282 8.69 15.32 -49.86
CA PHE A 282 7.25 15.54 -50.05
C PHE A 282 6.88 15.46 -51.52
N ALA A 283 7.73 15.97 -52.41
CA ALA A 283 7.40 16.03 -53.83
C ALA A 283 7.24 14.62 -54.42
N ARG A 284 8.14 13.71 -54.07
CA ARG A 284 8.08 12.34 -54.56
C ARG A 284 7.23 11.48 -53.63
N TYR A 285 6.03 11.98 -53.36
CA TYR A 285 5.09 11.32 -52.47
C TYR A 285 3.68 11.54 -52.99
N THR A 286 2.86 10.49 -52.92
CA THR A 286 1.48 10.54 -53.37
C THR A 286 0.56 10.22 -52.20
N THR A 287 -0.61 10.85 -52.21
CA THR A 287 -1.57 10.61 -51.14
C THR A 287 -2.03 9.15 -51.14
N PRO A 288 -2.18 8.52 -49.98
CA PRO A 288 -2.63 7.13 -49.95
C PRO A 288 -4.07 7.00 -50.39
N GLU A 289 -4.39 5.82 -50.93
CA GLU A 289 -5.77 5.53 -51.33
C GLU A 289 -6.69 5.44 -50.12
N ASP A 290 -6.15 5.17 -48.94
CA ASP A 290 -6.94 5.07 -47.72
C ASP A 290 -7.36 6.43 -47.18
N ALA A 291 -6.89 7.52 -47.77
CA ALA A 291 -7.26 8.85 -47.30
C ALA A 291 -8.75 9.07 -47.48
N THR A 292 -9.35 9.81 -46.53
CA THR A 292 -10.77 10.11 -46.52
C THR A 292 -10.95 11.62 -46.37
N PRO A 293 -10.69 12.36 -47.44
CA PRO A 293 -10.73 13.83 -47.35
C PRO A 293 -12.14 14.34 -47.05
N GLU A 294 -12.19 15.44 -46.31
CA GLU A 294 -13.43 16.14 -46.02
C GLU A 294 -13.80 17.03 -47.22
N PRO A 295 -15.05 17.49 -47.30
CA PRO A 295 -15.42 18.37 -48.42
C PRO A 295 -14.57 19.63 -48.42
N GLY A 296 -14.24 20.08 -49.63
CA GLY A 296 -13.20 21.09 -49.77
C GLY A 296 -11.83 20.42 -49.75
N GLU A 297 -10.92 20.99 -48.96
CA GLU A 297 -9.65 20.33 -48.67
C GLU A 297 -8.84 20.03 -49.93
N ASP A 298 -8.34 21.10 -50.57
CA ASP A 298 -7.43 20.96 -51.71
C ASP A 298 -6.45 19.82 -51.46
N PRO A 299 -6.43 18.77 -52.31
CA PRO A 299 -5.70 17.54 -51.95
C PRO A 299 -4.21 17.71 -51.74
N ARG A 300 -3.63 18.87 -52.06
CA ARG A 300 -2.28 19.15 -51.60
C ARG A 300 -2.22 19.19 -50.08
N VAL A 301 -3.25 19.79 -49.46
CA VAL A 301 -3.35 19.79 -48.01
C VAL A 301 -3.43 18.36 -47.48
N THR A 302 -4.25 17.53 -48.13
CA THR A 302 -4.38 16.14 -47.72
C THR A 302 -3.05 15.41 -47.85
N ARG A 303 -2.32 15.64 -48.94
CA ARG A 303 -1.02 15.01 -49.14
C ARG A 303 -0.06 15.39 -48.02
N ALA A 304 -0.01 16.67 -47.68
CA ALA A 304 0.88 17.10 -46.59
C ALA A 304 0.47 16.48 -45.26
N LYS A 305 -0.83 16.55 -44.94
CA LYS A 305 -1.31 16.04 -43.65
C LYS A 305 -0.98 14.56 -43.50
N TYR A 306 -1.24 13.77 -44.56
CA TYR A 306 -0.91 12.37 -44.48
C TYR A 306 0.59 12.12 -44.55
N PHE A 307 1.36 13.07 -45.07
CA PHE A 307 2.82 12.95 -45.01
C PHE A 307 3.28 12.97 -43.55
N ILE A 308 2.85 13.98 -42.79
CA ILE A 308 3.21 14.01 -41.36
C ILE A 308 2.64 12.80 -40.63
N ARG A 309 1.40 12.43 -40.92
CA ARG A 309 0.79 11.27 -40.27
C ARG A 309 1.63 10.02 -40.50
N ASP A 310 2.02 9.77 -41.75
CA ASP A 310 2.79 8.58 -42.08
C ASP A 310 4.18 8.64 -41.46
N GLU A 311 4.77 9.83 -41.36
CA GLU A 311 6.05 9.98 -40.69
C GLU A 311 5.97 9.50 -39.24
N PHE A 312 4.98 10.02 -38.51
CA PHE A 312 4.84 9.62 -37.11
C PHE A 312 4.52 8.14 -36.99
N LEU A 313 3.67 7.61 -37.87
CA LEU A 313 3.30 6.20 -37.76
C LEU A 313 4.45 5.27 -38.12
N ARG A 314 5.31 5.64 -39.08
CA ARG A 314 6.46 4.78 -39.36
C ARG A 314 7.45 4.83 -38.21
N ILE A 315 7.59 6.01 -37.58
CA ILE A 315 8.41 6.06 -36.36
C ILE A 315 7.85 5.14 -35.29
N SER A 316 6.53 5.12 -35.14
CA SER A 316 5.90 4.24 -34.14
C SER A 316 6.10 2.77 -34.48
N THR A 317 5.92 2.40 -35.75
CA THR A 317 5.97 1.00 -36.14
C THR A 317 7.39 0.50 -36.32
N ALA A 318 8.37 1.40 -36.21
CA ALA A 318 9.77 0.99 -36.26
C ALA A 318 10.07 -0.06 -35.19
N SER A 319 9.37 0.01 -34.05
CA SER A 319 9.55 -0.94 -32.96
C SER A 319 8.20 -1.16 -32.31
N GLY A 320 8.21 -1.85 -31.15
CA GLY A 320 7.01 -2.09 -30.38
C GLY A 320 6.57 -3.54 -30.33
N ASP A 321 6.87 -4.32 -31.37
CA ASP A 321 6.58 -5.76 -31.46
C ASP A 321 5.20 -6.12 -30.92
N GLY A 322 4.23 -5.25 -31.22
CA GLY A 322 2.84 -5.54 -30.87
C GLY A 322 2.56 -5.66 -29.39
N ARG A 323 3.18 -4.81 -28.57
CA ARG A 323 2.86 -4.75 -27.15
C ARG A 323 2.22 -3.44 -26.73
N HIS A 324 2.37 -2.38 -27.52
CA HIS A 324 1.69 -1.12 -27.31
C HIS A 324 1.45 -0.46 -28.66
N TYR A 325 0.27 0.13 -28.83
CA TYR A 325 -0.23 0.54 -30.13
C TYR A 325 -0.37 2.05 -30.18
N CYS A 326 0.12 2.66 -31.27
CA CYS A 326 -0.13 4.08 -31.50
C CYS A 326 -1.56 4.30 -31.99
N TYR A 327 -2.02 5.55 -31.91
CA TYR A 327 -3.41 5.90 -32.22
C TYR A 327 -3.47 7.32 -32.75
N PRO A 328 -3.17 7.52 -34.03
CA PRO A 328 -3.15 8.89 -34.57
C PRO A 328 -4.53 9.55 -34.59
N HIS A 329 -4.56 10.88 -34.58
CA HIS A 329 -5.81 11.61 -34.62
C HIS A 329 -5.56 12.97 -35.24
N PHE A 330 -6.64 13.59 -35.76
CA PHE A 330 -6.57 14.86 -36.50
C PHE A 330 -7.53 15.84 -35.83
N THR A 331 -7.04 16.57 -34.83
CA THR A 331 -7.87 17.54 -34.14
C THR A 331 -7.38 18.97 -34.39
N CYS A 332 -8.21 19.93 -33.99
CA CYS A 332 -7.85 21.34 -34.15
C CYS A 332 -8.36 22.18 -32.98
N SER A 333 -8.70 21.55 -31.86
CA SER A 333 -9.23 22.22 -30.66
C SER A 333 -10.50 22.96 -31.05
N VAL A 334 -10.75 24.11 -30.41
CA VAL A 334 -11.84 25.01 -30.77
C VAL A 334 -13.16 24.26 -30.57
N ASP A 335 -13.24 23.51 -29.47
CA ASP A 335 -14.40 22.77 -28.97
C ASP A 335 -14.74 21.54 -29.79
N THR A 336 -13.89 21.10 -30.72
CA THR A 336 -14.14 19.84 -31.42
C THR A 336 -14.13 18.68 -30.44
N GLU A 337 -14.99 17.69 -30.71
CA GLU A 337 -15.12 16.55 -29.82
C GLU A 337 -13.81 15.81 -29.67
N ASN A 338 -13.28 15.77 -28.45
CA ASN A 338 -12.04 15.06 -28.15
C ASN A 338 -12.18 14.02 -27.08
N ALA A 339 -12.97 14.28 -26.04
CA ALA A 339 -13.13 13.32 -24.95
C ALA A 339 -13.63 11.98 -25.48
N ARG A 340 -14.47 12.00 -26.51
CA ARG A 340 -14.91 10.76 -27.14
C ARG A 340 -13.74 10.01 -27.74
N ARG A 341 -12.77 10.72 -28.30
CA ARG A 341 -11.62 10.06 -28.90
C ARG A 341 -10.80 9.33 -27.84
N ILE A 342 -10.50 9.99 -26.72
CA ILE A 342 -9.77 9.32 -25.64
C ILE A 342 -10.59 8.16 -25.09
N PHE A 343 -11.91 8.34 -25.00
CA PHE A 343 -12.77 7.26 -24.50
C PHE A 343 -12.66 6.01 -25.37
N ASN A 344 -12.81 6.18 -26.68
CA ASN A 344 -12.74 5.04 -27.60
C ASN A 344 -11.35 4.42 -27.57
N ASP A 345 -10.31 5.25 -27.56
CA ASP A 345 -8.95 4.71 -27.55
C ASP A 345 -8.69 3.90 -26.29
N CYS A 346 -9.12 4.40 -25.13
CA CYS A 346 -8.91 3.67 -23.89
C CYS A 346 -9.71 2.38 -23.87
N ARG A 347 -10.94 2.40 -24.41
CA ARG A 347 -11.72 1.17 -24.49
C ARG A 347 -10.99 0.12 -25.32
N ASP A 348 -10.49 0.51 -26.49
CA ASP A 348 -9.78 -0.44 -27.34
C ASP A 348 -8.50 -0.94 -26.64
N ILE A 349 -7.77 -0.04 -25.98
CA ILE A 349 -6.53 -0.42 -25.32
C ILE A 349 -6.80 -1.48 -24.25
N ILE A 350 -7.78 -1.22 -23.39
CA ILE A 350 -8.05 -2.14 -22.29
C ILE A 350 -8.63 -3.45 -22.81
N GLN A 351 -9.48 -3.39 -23.84
CA GLN A 351 -10.05 -4.60 -24.41
C GLN A 351 -8.96 -5.49 -25.00
N ARG A 352 -8.02 -4.89 -25.73
CA ARG A 352 -6.92 -5.67 -26.28
C ARG A 352 -6.03 -6.24 -25.18
N MET A 353 -5.81 -5.47 -24.11
CA MET A 353 -5.03 -5.98 -22.99
C MET A 353 -5.68 -7.21 -22.39
N HIS A 354 -6.99 -7.15 -22.13
CA HIS A 354 -7.69 -8.28 -21.54
C HIS A 354 -7.71 -9.46 -22.48
N LEU A 355 -7.94 -9.22 -23.77
CA LEU A 355 -7.93 -10.31 -24.75
C LEU A 355 -6.57 -10.98 -24.83
N ARG A 356 -5.49 -10.22 -24.70
CA ARG A 356 -4.15 -10.81 -24.71
C ARG A 356 -3.86 -11.57 -23.44
N GLN A 357 -4.40 -11.11 -22.30
CA GLN A 357 -4.12 -11.77 -21.03
C GLN A 357 -4.67 -13.19 -20.98
N TYR A 358 -5.85 -13.43 -21.56
CA TYR A 358 -6.50 -14.73 -21.53
C TYR A 358 -6.07 -15.62 -22.69
N GLU A 359 -4.94 -15.33 -23.33
CA GLU A 359 -4.43 -16.10 -24.46
C GLU A 359 -5.43 -16.19 -25.60
N LEU A 360 -6.28 -15.16 -25.74
CA LEU A 360 -7.26 -15.10 -26.81
C LEU A 360 -6.77 -14.30 -28.01
N LEU A 361 -5.53 -13.82 -27.98
CA LEU A 361 -5.00 -12.99 -29.04
C LEU A 361 -3.48 -13.07 -29.08
N GLU B 19 41.13 34.16 -23.55
CA GLU B 19 40.89 34.22 -22.11
C GLU B 19 40.37 32.89 -21.59
N LEU B 20 39.42 32.29 -22.32
CA LEU B 20 38.87 31.02 -21.90
C LEU B 20 39.91 29.91 -21.93
N ASP B 21 40.78 29.91 -22.95
CA ASP B 21 41.79 28.87 -23.06
C ASP B 21 42.76 28.92 -21.89
N GLN B 22 43.20 30.12 -21.50
CA GLN B 22 44.14 30.22 -20.40
C GLN B 22 43.47 30.03 -19.04
N LEU B 23 42.20 30.45 -18.91
CA LEU B 23 41.52 30.32 -17.62
C LEU B 23 41.34 28.86 -17.23
N ARG B 24 41.15 27.98 -18.21
CA ARG B 24 40.94 26.57 -17.90
C ARG B 24 42.25 25.89 -17.51
N GLN B 25 43.36 26.26 -18.17
CA GLN B 25 44.59 25.48 -18.05
C GLN B 25 45.02 25.38 -16.60
N GLU B 26 44.85 26.45 -15.82
CA GLU B 26 45.13 26.35 -14.40
C GLU B 26 44.13 25.43 -13.70
N ALA B 27 42.90 25.33 -14.23
CA ALA B 27 41.96 24.39 -13.63
C ALA B 27 42.41 22.94 -13.83
N GLU B 28 42.81 22.57 -15.04
CA GLU B 28 43.36 21.22 -15.20
C GLU B 28 44.62 21.01 -14.37
N GLN B 29 45.50 22.02 -14.33
CA GLN B 29 46.72 21.87 -13.54
C GLN B 29 46.39 21.67 -12.06
N LEU B 30 45.42 22.42 -11.55
CA LEU B 30 45.12 22.36 -10.13
C LEU B 30 44.43 21.05 -9.76
N LYS B 31 43.49 20.59 -10.59
CA LYS B 31 42.86 19.32 -10.25
C LYS B 31 43.80 18.14 -10.50
N ASN B 32 44.76 18.30 -11.41
CA ASN B 32 45.82 17.30 -11.52
C ASN B 32 46.68 17.26 -10.27
N GLN B 33 47.00 18.43 -9.71
CA GLN B 33 47.73 18.48 -8.45
C GLN B 33 46.92 17.84 -7.33
N ILE B 34 45.60 18.08 -7.32
CA ILE B 34 44.73 17.45 -6.33
C ILE B 34 44.77 15.93 -6.48
N ARG B 35 44.70 15.43 -7.71
CA ARG B 35 44.76 13.99 -7.94
C ARG B 35 46.10 13.42 -7.50
N ASP B 36 47.19 14.13 -7.78
CA ASP B 36 48.51 13.66 -7.35
C ASP B 36 48.60 13.61 -5.83
N ALA B 37 48.08 14.62 -5.14
CA ALA B 37 48.07 14.63 -3.69
C ALA B 37 47.23 13.48 -3.14
N ARG B 38 46.07 13.23 -3.76
CA ARG B 38 45.22 12.13 -3.35
C ARG B 38 45.91 10.79 -3.52
N LYS B 39 46.61 10.62 -4.65
CA LYS B 39 47.33 9.37 -4.92
C LYS B 39 48.46 9.17 -3.92
N ALA B 40 49.27 10.21 -3.70
CA ALA B 40 50.39 10.11 -2.77
C ALA B 40 49.94 10.43 -1.35
N CYS B 41 48.86 9.77 -0.91
CA CYS B 41 48.39 9.91 0.47
C CYS B 41 47.95 8.55 1.00
N ALA B 42 47.98 7.54 0.14
CA ALA B 42 47.54 6.21 0.51
C ALA B 42 48.74 5.29 0.69
N ASP B 43 48.62 4.37 1.65
CA ASP B 43 49.67 3.41 1.94
C ASP B 43 49.12 1.99 1.93
N ALA B 44 47.83 1.85 2.23
CA ALA B 44 47.18 0.54 2.26
C ALA B 44 45.69 0.74 2.16
N THR B 45 44.99 -0.32 1.74
CA THR B 45 43.54 -0.29 1.75
C THR B 45 43.01 -0.95 3.03
N LEU B 46 41.70 -0.87 3.21
CA LEU B 46 41.09 -1.36 4.44
C LEU B 46 41.19 -2.88 4.54
N SER B 47 41.12 -3.56 3.40
CA SER B 47 41.03 -5.02 3.41
C SER B 47 42.33 -5.66 3.90
N GLN B 48 43.48 -5.16 3.45
CA GLN B 48 44.75 -5.80 3.81
C GLN B 48 45.06 -5.57 5.28
N ILE B 49 44.59 -4.45 5.85
CA ILE B 49 44.76 -4.20 7.28
C ILE B 49 43.71 -4.92 8.11
N THR B 50 42.55 -5.22 7.55
CA THR B 50 41.46 -5.89 8.26
C THR B 50 41.51 -7.42 8.08
N ASN B 51 42.45 -7.92 7.28
CA ASN B 51 42.56 -9.36 7.07
C ASN B 51 42.69 -10.12 8.38
N ASN B 52 43.35 -9.53 9.38
CA ASN B 52 43.54 -10.18 10.67
C ASN B 52 42.34 -9.95 11.59
N ILE B 53 41.16 -10.28 11.08
CA ILE B 53 39.90 -10.13 11.80
C ILE B 53 39.06 -11.39 11.61
N ASP B 54 38.48 -11.88 12.70
CA ASP B 54 37.55 -13.00 12.70
C ASP B 54 36.34 -12.64 11.84
N PRO B 55 35.95 -13.49 10.88
CA PRO B 55 34.77 -13.16 10.05
C PRO B 55 33.48 -13.03 10.85
N VAL B 56 32.42 -12.62 10.17
CA VAL B 56 31.21 -12.16 10.84
C VAL B 56 30.23 -13.30 11.12
N GLY B 57 30.08 -14.24 10.19
CA GLY B 57 29.16 -15.34 10.42
C GLY B 57 27.77 -15.05 9.85
N ARG B 58 27.00 -16.11 9.67
CA ARG B 58 25.67 -15.99 9.09
C ARG B 58 24.72 -15.29 10.06
N ILE B 59 23.97 -14.31 9.55
CA ILE B 59 23.05 -13.55 10.39
C ILE B 59 21.75 -14.33 10.60
N GLN B 60 21.20 -14.87 9.52
CA GLN B 60 19.95 -15.62 9.55
C GLN B 60 18.80 -14.78 10.11
N MET B 61 18.44 -13.72 9.40
CA MET B 61 17.35 -12.83 9.80
C MET B 61 16.03 -13.47 9.41
N ARG B 62 14.99 -13.17 10.18
CA ARG B 62 13.66 -13.72 9.97
C ARG B 62 12.63 -12.59 9.94
N THR B 63 11.59 -12.78 9.13
CA THR B 63 10.54 -11.78 8.99
C THR B 63 9.60 -11.82 10.20
N ARG B 64 9.85 -10.95 11.18
CA ARG B 64 9.06 -10.96 12.41
C ARG B 64 7.67 -10.39 12.19
N ARG B 65 7.53 -9.42 11.29
CA ARG B 65 6.26 -8.74 11.09
C ARG B 65 6.08 -8.45 9.61
N THR B 66 4.84 -8.13 9.25
CA THR B 66 4.52 -7.71 7.88
C THR B 66 3.43 -6.65 7.90
N LEU B 67 3.82 -5.38 7.82
CA LEU B 67 2.86 -4.29 7.82
C LEU B 67 2.21 -4.17 6.45
N ARG B 68 0.91 -3.92 6.44
CA ARG B 68 0.19 -3.82 5.18
C ARG B 68 -1.02 -2.91 5.35
N GLY B 69 -1.51 -2.42 4.21
CA GLY B 69 -2.63 -1.49 4.19
C GLY B 69 -2.47 -0.44 3.11
N HIS B 70 -1.29 -0.37 2.52
CA HIS B 70 -1.03 0.58 1.46
C HIS B 70 -1.72 0.14 0.17
N LEU B 71 -2.16 1.12 -0.61
CA LEU B 71 -2.80 0.87 -1.90
C LEU B 71 -1.80 0.78 -3.04
N ALA B 72 -1.04 1.83 -3.29
CA ALA B 72 -0.01 1.83 -4.32
C ALA B 72 1.34 1.44 -3.70
N LYS B 73 2.42 1.67 -4.44
CA LYS B 73 3.75 1.22 -4.03
C LYS B 73 4.43 2.28 -3.17
N ILE B 74 5.05 1.83 -2.07
CA ILE B 74 5.76 2.72 -1.16
C ILE B 74 6.94 3.34 -1.88
N TYR B 75 7.23 4.61 -1.57
CA TYR B 75 8.39 5.28 -2.10
C TYR B 75 9.45 5.64 -1.07
N ALA B 76 9.09 5.72 0.22
CA ALA B 76 10.07 6.07 1.25
C ALA B 76 9.52 5.67 2.61
N MET B 77 10.41 5.69 3.61
CA MET B 77 10.04 5.46 5.01
C MET B 77 11.09 6.07 5.92
N HIS B 78 10.72 6.37 7.17
CA HIS B 78 11.65 6.97 8.12
C HIS B 78 11.31 6.52 9.52
N TRP B 79 12.34 6.14 10.29
CA TRP B 79 12.18 5.61 11.64
C TRP B 79 12.05 6.77 12.63
N GLY B 80 11.12 6.66 13.56
CA GLY B 80 11.02 7.62 14.63
C GLY B 80 12.15 7.48 15.62
N THR B 81 12.39 8.52 16.43
CA THR B 81 13.48 8.46 17.40
C THR B 81 13.21 7.47 18.52
N ASP B 82 11.93 7.24 18.83
CA ASP B 82 11.58 6.36 19.95
C ASP B 82 11.83 4.90 19.63
N SER B 83 12.15 4.58 18.37
CA SER B 83 12.41 3.23 17.91
C SER B 83 11.15 2.38 17.95
N ARG B 84 10.00 3.03 18.10
CA ARG B 84 8.71 2.36 18.11
C ARG B 84 7.82 2.75 16.95
N LEU B 85 7.89 4.00 16.49
CA LEU B 85 7.03 4.52 15.44
C LEU B 85 7.81 4.64 14.15
N LEU B 86 7.11 4.51 13.03
CA LEU B 86 7.69 4.73 11.71
C LEU B 86 6.64 5.31 10.78
N VAL B 87 7.09 6.05 9.77
CA VAL B 87 6.21 6.76 8.84
C VAL B 87 6.52 6.29 7.43
N SER B 88 5.48 6.07 6.63
CA SER B 88 5.62 5.62 5.26
C SER B 88 4.71 6.44 4.35
N ALA B 89 5.21 6.76 3.15
CA ALA B 89 4.47 7.55 2.19
C ALA B 89 4.44 6.83 0.84
N SER B 90 3.26 6.68 0.27
CA SER B 90 3.04 6.04 -1.01
C SER B 90 2.45 7.03 -2.00
N GLN B 91 2.41 6.64 -3.26
CA GLN B 91 1.97 7.57 -4.30
C GLN B 91 0.46 7.62 -4.44
N ASP B 92 -0.29 6.86 -3.66
CA ASP B 92 -1.74 6.98 -3.70
C ASP B 92 -2.25 8.23 -3.00
N GLY B 93 -1.36 9.02 -2.40
CA GLY B 93 -1.73 10.24 -1.73
C GLY B 93 -2.02 10.01 -0.25
N LYS B 94 -1.23 9.14 0.38
CA LYS B 94 -1.48 8.79 1.78
C LYS B 94 -0.14 8.70 2.50
N LEU B 95 -0.16 9.03 3.79
CA LEU B 95 1.02 9.00 4.64
C LEU B 95 0.60 8.42 5.99
N ILE B 96 0.75 7.11 6.14
CA ILE B 96 0.30 6.43 7.35
C ILE B 96 1.42 6.37 8.36
N ILE B 97 1.05 6.36 9.64
CA ILE B 97 2.00 6.20 10.74
C ILE B 97 1.62 4.94 11.50
N TRP B 98 2.53 3.98 11.56
CA TRP B 98 2.28 2.69 12.19
C TRP B 98 2.86 2.67 13.59
N ASP B 99 2.54 1.61 14.31
CA ASP B 99 3.19 1.25 15.57
C ASP B 99 3.87 -0.09 15.36
N SER B 100 5.20 -0.09 15.39
CA SER B 100 5.95 -1.26 14.94
C SER B 100 5.83 -2.45 15.88
N TYR B 101 5.36 -2.25 17.11
CA TYR B 101 5.27 -3.37 18.04
C TYR B 101 3.90 -4.04 17.96
N THR B 102 2.82 -3.26 18.06
CA THR B 102 1.48 -3.81 18.04
C THR B 102 0.79 -3.73 16.68
N THR B 103 1.48 -3.23 15.65
CA THR B 103 1.01 -3.27 14.27
C THR B 103 -0.28 -2.45 14.12
N ASN B 104 -0.45 -1.45 14.97
CA ASN B 104 -1.62 -0.58 14.87
C ASN B 104 -1.41 0.49 13.81
N LYS B 105 -2.33 1.47 13.75
CA LYS B 105 -2.17 2.62 12.87
C LYS B 105 -2.53 3.87 13.69
N VAL B 106 -1.52 4.71 13.93
CA VAL B 106 -1.74 5.88 14.79
C VAL B 106 -2.49 6.96 14.02
N HIS B 107 -1.92 7.42 12.91
CA HIS B 107 -2.57 8.43 12.06
C HIS B 107 -2.54 7.97 10.61
N ALA B 108 -3.47 8.52 9.83
CA ALA B 108 -3.52 8.30 8.38
C ALA B 108 -3.80 9.65 7.72
N ILE B 109 -2.75 10.30 7.23
CA ILE B 109 -2.84 11.66 6.71
C ILE B 109 -3.03 11.65 5.20
N PRO B 110 -4.07 12.29 4.68
CA PRO B 110 -4.20 12.43 3.22
C PRO B 110 -3.20 13.41 2.66
N LEU B 111 -3.20 13.60 1.34
CA LEU B 111 -2.24 14.48 0.69
C LEU B 111 -2.94 15.29 -0.39
N ARG B 112 -2.25 16.32 -0.87
CA ARG B 112 -2.71 17.15 -1.96
C ARG B 112 -2.15 16.73 -3.32
N SER B 113 -0.87 16.34 -3.35
CA SER B 113 -0.22 15.88 -4.57
C SER B 113 -0.06 14.37 -4.51
N SER B 114 -0.52 13.69 -5.56
CA SER B 114 -0.46 12.24 -5.60
C SER B 114 0.89 11.71 -6.05
N TRP B 115 1.94 12.52 -6.04
CA TRP B 115 3.29 12.08 -6.43
C TRP B 115 4.24 12.55 -5.35
N VAL B 116 4.41 11.73 -4.31
CA VAL B 116 5.25 12.05 -3.16
C VAL B 116 6.37 11.02 -3.08
N MET B 117 7.59 11.52 -2.85
CA MET B 117 8.77 10.65 -2.82
C MET B 117 9.64 10.92 -1.59
N THR B 118 9.14 11.69 -0.62
CA THR B 118 9.93 12.06 0.54
C THR B 118 9.06 11.95 1.77
N CYS B 119 9.66 11.50 2.87
CA CYS B 119 9.02 11.56 4.17
C CYS B 119 10.09 11.72 5.23
N ALA B 120 9.74 12.42 6.31
CA ALA B 120 10.68 12.70 7.38
C ALA B 120 9.90 12.91 8.66
N TYR B 121 10.31 12.21 9.72
CA TYR B 121 9.63 12.28 11.00
C TYR B 121 10.56 13.01 11.98
N ALA B 122 10.05 14.08 12.59
CA ALA B 122 10.91 14.98 13.33
C ALA B 122 11.55 14.29 14.53
N PRO B 123 12.79 14.67 14.87
CA PRO B 123 13.47 14.03 16.01
C PRO B 123 12.72 14.16 17.31
N SER B 124 12.08 15.31 17.56
CA SER B 124 11.24 15.44 18.74
C SER B 124 10.02 14.53 18.64
N GLY B 125 9.44 14.43 17.45
CA GLY B 125 8.29 13.58 17.24
C GLY B 125 7.01 14.36 17.05
N ASN B 126 7.12 15.61 16.60
CA ASN B 126 5.98 16.50 16.46
C ASN B 126 5.54 16.68 15.02
N TYR B 127 6.45 16.96 14.10
CA TYR B 127 6.08 17.29 12.73
C TYR B 127 6.53 16.21 11.75
N VAL B 128 5.80 16.13 10.63
CA VAL B 128 6.12 15.26 9.51
C VAL B 128 6.14 16.11 8.25
N ALA B 129 7.12 15.84 7.39
CA ALA B 129 7.27 16.61 6.16
C ALA B 129 7.30 15.66 4.98
N CYS B 130 6.64 16.05 3.88
CA CYS B 130 6.61 15.25 2.67
C CYS B 130 6.44 16.17 1.48
N GLY B 131 7.07 15.81 0.36
CA GLY B 131 6.97 16.58 -0.86
C GLY B 131 7.47 15.85 -2.08
N GLY B 132 6.92 16.16 -3.25
CA GLY B 132 7.29 15.46 -4.46
C GLY B 132 7.33 16.33 -5.69
N LEU B 133 6.65 15.89 -6.76
CA LEU B 133 6.66 16.64 -8.02
C LEU B 133 5.97 18.00 -7.89
N ASP B 134 5.24 18.23 -6.80
CA ASP B 134 4.59 19.52 -6.60
C ASP B 134 5.59 20.63 -6.29
N ASN B 135 6.86 20.29 -6.05
CA ASN B 135 7.90 21.27 -5.76
C ASN B 135 7.63 22.02 -4.45
N ILE B 136 6.93 21.36 -3.53
CA ILE B 136 6.58 21.98 -2.26
C ILE B 136 6.76 20.94 -1.16
N CYS B 137 7.41 21.35 -0.07
CA CYS B 137 7.47 20.57 1.17
C CYS B 137 6.39 21.08 2.12
N SER B 138 5.51 20.18 2.53
CA SER B 138 4.49 20.51 3.51
C SER B 138 4.96 20.13 4.90
N ILE B 139 4.41 20.81 5.91
CA ILE B 139 4.73 20.55 7.30
C ILE B 139 3.43 20.22 8.01
N TYR B 140 3.35 19.02 8.58
CA TYR B 140 2.17 18.57 9.29
C TYR B 140 2.42 18.55 10.79
N ASN B 141 1.46 19.07 11.56
CA ASN B 141 1.60 19.20 13.01
C ASN B 141 0.81 18.07 13.66
N LEU B 142 1.52 17.02 14.05
CA LEU B 142 0.85 15.85 14.64
C LEU B 142 0.26 16.17 16.01
N LYS B 143 1.06 16.77 16.89
CA LYS B 143 0.65 16.99 18.28
C LYS B 143 0.07 18.39 18.39
N THR B 144 -1.26 18.47 18.39
CA THR B 144 -1.97 19.73 18.51
C THR B 144 -3.04 19.62 19.59
N ARG B 145 -3.52 20.78 20.04
CA ARG B 145 -4.74 20.80 20.84
C ARG B 145 -5.88 20.16 20.07
N GLU B 146 -5.95 20.43 18.76
CA GLU B 146 -6.92 19.76 17.90
C GLU B 146 -6.52 18.30 17.68
N GLY B 147 -7.51 17.46 17.42
CA GLY B 147 -7.27 16.05 17.23
C GLY B 147 -7.06 15.65 15.79
N ASN B 148 -6.78 16.62 14.94
CA ASN B 148 -6.57 16.36 13.52
C ASN B 148 -5.20 16.90 13.12
N VAL B 149 -4.55 16.18 12.22
CA VAL B 149 -3.24 16.59 11.69
C VAL B 149 -3.47 17.55 10.55
N ARG B 150 -2.93 18.76 10.67
CA ARG B 150 -3.19 19.84 9.73
C ARG B 150 -1.87 20.41 9.22
N VAL B 151 -1.89 20.89 7.98
CA VAL B 151 -0.70 21.48 7.39
C VAL B 151 -0.32 22.74 8.16
N SER B 152 0.97 22.89 8.43
CA SER B 152 1.48 24.03 9.18
C SER B 152 1.98 25.16 8.28
N ARG B 153 2.92 24.88 7.37
CA ARG B 153 3.42 25.91 6.48
C ARG B 153 4.03 25.31 5.23
N GLU B 154 3.37 25.46 4.09
CA GLU B 154 3.90 24.96 2.83
C GLU B 154 5.12 25.78 2.41
N LEU B 155 6.19 25.08 2.03
CA LEU B 155 7.43 25.72 1.63
C LEU B 155 7.57 25.63 0.12
N ALA B 156 7.74 26.77 -0.54
CA ALA B 156 7.90 26.86 -1.98
C ALA B 156 9.13 27.68 -2.31
N GLY B 157 9.69 27.46 -3.51
CA GLY B 157 10.88 28.18 -3.92
C GLY B 157 11.85 27.34 -4.72
N HIS B 158 11.52 26.07 -4.94
CA HIS B 158 12.32 25.18 -5.77
C HIS B 158 11.67 25.04 -7.14
N THR B 159 12.50 25.02 -8.18
CA THR B 159 11.98 24.88 -9.53
C THR B 159 11.63 23.42 -9.83
N GLY B 160 12.58 22.52 -9.67
CA GLY B 160 12.39 21.12 -9.98
C GLY B 160 11.75 20.36 -8.83
N TYR B 161 11.63 19.05 -9.03
CA TYR B 161 11.01 18.19 -8.03
C TYR B 161 11.92 18.01 -6.82
N LEU B 162 11.30 17.91 -5.64
CA LEU B 162 12.04 17.68 -4.40
C LEU B 162 12.28 16.18 -4.24
N SER B 163 13.54 15.80 -3.99
CA SER B 163 13.88 14.38 -3.96
C SER B 163 14.24 13.87 -2.57
N CYS B 164 14.65 14.73 -1.64
CA CYS B 164 14.93 14.29 -0.28
C CYS B 164 14.78 15.47 0.66
N CYS B 165 14.54 15.17 1.94
CA CYS B 165 14.36 16.20 2.95
C CYS B 165 14.69 15.60 4.31
N ARG B 166 15.45 16.35 5.12
CA ARG B 166 15.86 15.91 6.45
C ARG B 166 15.66 17.04 7.45
N PHE B 167 15.56 16.67 8.73
CA PHE B 167 15.36 17.61 9.81
C PHE B 167 16.66 17.83 10.58
N LEU B 168 17.24 19.02 10.45
CA LEU B 168 18.34 19.40 11.34
C LEU B 168 17.85 19.55 12.77
N ASP B 169 16.79 20.33 12.97
CA ASP B 169 16.22 20.60 14.28
C ASP B 169 14.70 20.62 14.19
N ASP B 170 14.03 21.17 15.20
CA ASP B 170 12.59 21.31 15.18
C ASP B 170 12.13 22.54 14.41
N ASN B 171 13.04 23.41 13.98
CA ASN B 171 12.67 24.61 13.25
C ASN B 171 13.67 24.88 12.12
N GLN B 172 14.41 23.86 11.72
CA GLN B 172 15.34 23.98 10.59
C GLN B 172 15.31 22.73 9.72
N ILE B 173 14.55 22.77 8.64
CA ILE B 173 14.50 21.65 7.71
C ILE B 173 15.47 21.89 6.56
N VAL B 174 16.01 20.79 6.02
CA VAL B 174 16.94 20.84 4.89
C VAL B 174 16.35 20.00 3.76
N THR B 175 16.28 20.59 2.56
CA THR B 175 15.62 19.97 1.42
C THR B 175 16.58 19.83 0.26
N SER B 176 16.50 18.70 -0.43
CA SER B 176 17.27 18.41 -1.63
C SER B 176 16.33 18.28 -2.82
N SER B 177 16.54 19.11 -3.84
CA SER B 177 15.59 19.26 -4.94
C SER B 177 16.18 18.74 -6.25
N GLY B 178 15.38 18.85 -7.32
CA GLY B 178 15.78 18.44 -8.65
C GLY B 178 16.27 19.56 -9.54
N ASP B 179 16.25 20.80 -9.08
CA ASP B 179 16.83 21.92 -9.81
C ASP B 179 18.31 22.11 -9.48
N THR B 180 18.98 21.06 -8.99
CA THR B 180 20.42 21.05 -8.74
C THR B 180 20.82 22.02 -7.62
N THR B 181 19.87 22.47 -6.81
CA THR B 181 20.18 23.38 -5.71
C THR B 181 19.60 22.83 -4.41
N CYS B 182 20.45 22.67 -3.41
CA CYS B 182 20.00 22.38 -2.06
C CYS B 182 19.69 23.67 -1.32
N ALA B 183 18.80 23.59 -0.34
CA ALA B 183 18.34 24.81 0.33
C ALA B 183 18.02 24.50 1.78
N LEU B 184 18.64 25.24 2.69
CA LEU B 184 18.31 25.18 4.10
C LEU B 184 17.19 26.18 4.40
N TRP B 185 16.16 25.70 5.09
CA TRP B 185 14.96 26.49 5.30
C TRP B 185 14.85 26.92 6.76
N ASP B 186 13.80 27.68 7.06
CA ASP B 186 13.51 28.12 8.40
C ASP B 186 12.00 28.35 8.54
N ILE B 187 11.32 27.43 9.23
CA ILE B 187 9.87 27.36 9.21
C ILE B 187 9.22 28.62 9.77
N GLU B 188 9.73 29.13 10.89
CA GLU B 188 9.08 30.28 11.53
C GLU B 188 9.17 31.53 10.65
N THR B 189 10.29 31.72 9.96
CA THR B 189 10.37 32.80 8.98
C THR B 189 9.66 32.40 7.70
N GLY B 190 10.14 31.34 7.05
CA GLY B 190 9.48 30.80 5.88
C GLY B 190 10.17 31.08 4.56
N GLN B 191 11.48 31.30 4.59
CA GLN B 191 12.24 31.54 3.37
C GLN B 191 13.63 30.92 3.50
N GLN B 192 14.26 30.65 2.37
CA GLN B 192 15.60 30.06 2.35
C GLN B 192 16.61 30.99 3.00
N THR B 193 17.14 30.59 4.15
CA THR B 193 18.21 31.36 4.77
C THR B 193 19.57 31.04 4.16
N THR B 194 19.68 29.95 3.41
CA THR B 194 20.92 29.55 2.79
C THR B 194 20.62 28.63 1.62
N THR B 195 21.42 28.77 0.56
CA THR B 195 21.29 27.92 -0.62
C THR B 195 22.66 27.42 -1.03
N PHE B 196 22.68 26.28 -1.71
CA PHE B 196 23.92 25.62 -2.11
C PHE B 196 23.91 25.38 -3.61
N THR B 197 25.05 25.66 -4.24
CA THR B 197 25.24 25.43 -5.67
C THR B 197 26.55 24.71 -5.89
N GLY B 198 26.65 24.02 -7.01
CA GLY B 198 27.88 23.31 -7.34
C GLY B 198 27.66 21.94 -7.96
N HIS B 199 26.40 21.57 -8.16
CA HIS B 199 26.04 20.28 -8.74
C HIS B 199 25.45 20.50 -10.13
N THR B 200 26.05 19.87 -11.14
CA THR B 200 25.50 19.95 -12.48
C THR B 200 24.20 19.15 -12.60
N GLY B 201 24.20 17.91 -12.11
CA GLY B 201 23.02 17.09 -12.16
C GLY B 201 22.09 17.37 -11.00
N ASP B 202 20.90 16.78 -11.08
CA ASP B 202 19.88 16.94 -10.06
C ASP B 202 20.18 16.02 -8.88
N VAL B 203 20.34 16.61 -7.70
CA VAL B 203 20.70 15.84 -6.52
C VAL B 203 19.49 15.02 -6.06
N MET B 204 19.72 13.74 -5.76
CA MET B 204 18.65 12.81 -5.43
C MET B 204 18.92 12.07 -4.13
N SER B 205 19.78 12.62 -3.27
CA SER B 205 20.12 11.93 -2.03
C SER B 205 20.66 12.95 -1.04
N LEU B 206 20.27 12.80 0.22
CA LEU B 206 20.71 13.70 1.28
C LEU B 206 20.83 12.92 2.58
N SER B 207 21.92 13.16 3.30
CA SER B 207 22.17 12.49 4.57
C SER B 207 22.81 13.46 5.54
N LEU B 208 22.49 13.32 6.82
CA LEU B 208 22.94 14.24 7.85
C LEU B 208 24.01 13.60 8.72
N ALA B 209 25.04 14.36 9.05
CA ALA B 209 26.07 13.91 9.96
C ALA B 209 25.49 13.78 11.36
N PRO B 210 26.06 12.89 12.19
CA PRO B 210 25.56 12.75 13.57
C PRO B 210 25.72 14.02 14.40
N ASP B 211 26.64 14.91 14.04
CA ASP B 211 26.81 16.18 14.74
C ASP B 211 25.89 17.28 14.23
N THR B 212 25.16 17.02 13.14
CA THR B 212 24.28 17.99 12.49
C THR B 212 25.02 19.27 12.09
N ARG B 213 26.33 19.18 11.88
CA ARG B 213 27.14 20.30 11.44
C ARG B 213 27.54 20.19 9.98
N LEU B 214 27.25 19.06 9.34
CA LEU B 214 27.62 18.82 7.96
C LEU B 214 26.58 17.90 7.33
N PHE B 215 26.56 17.88 6.00
CA PHE B 215 25.72 16.93 5.28
C PHE B 215 26.27 16.73 3.89
N VAL B 216 26.20 15.51 3.39
CA VAL B 216 26.66 15.20 2.05
C VAL B 216 25.46 14.91 1.16
N SER B 217 25.67 15.01 -0.16
CA SER B 217 24.62 14.77 -1.13
C SER B 217 25.23 14.20 -2.40
N GLY B 218 24.41 13.51 -3.18
CA GLY B 218 24.88 12.91 -4.42
C GLY B 218 23.96 13.13 -5.59
N ALA B 219 24.45 13.78 -6.63
CA ALA B 219 23.64 14.07 -7.81
C ALA B 219 23.76 12.97 -8.85
N CYS B 220 23.24 13.22 -10.05
CA CYS B 220 23.31 12.25 -11.13
C CYS B 220 24.63 12.28 -11.89
N ASP B 221 25.46 13.29 -11.66
CA ASP B 221 26.75 13.38 -12.35
C ASP B 221 27.83 12.51 -11.72
N ALA B 222 27.44 11.55 -10.87
CA ALA B 222 28.37 10.59 -10.27
C ALA B 222 29.42 11.29 -9.42
N SER B 223 28.97 12.17 -8.53
CA SER B 223 29.87 12.86 -7.62
C SER B 223 29.11 13.27 -6.38
N ALA B 224 29.80 13.27 -5.24
CA ALA B 224 29.23 13.68 -3.97
C ALA B 224 30.08 14.79 -3.36
N LYS B 225 29.41 15.70 -2.65
CA LYS B 225 30.07 16.86 -2.08
C LYS B 225 29.62 17.07 -0.64
N LEU B 226 30.57 17.48 0.21
CA LEU B 226 30.30 17.77 1.60
C LEU B 226 29.97 19.25 1.78
N TRP B 227 28.91 19.53 2.53
CA TRP B 227 28.39 20.89 2.68
C TRP B 227 28.48 21.30 4.14
N ASP B 228 29.09 22.46 4.39
CA ASP B 228 29.17 23.03 5.74
C ASP B 228 27.89 23.82 5.98
N VAL B 229 27.13 23.40 6.99
CA VAL B 229 25.82 23.97 7.27
C VAL B 229 25.91 25.43 7.67
N ARG B 230 26.85 25.75 8.56
CA ARG B 230 26.93 27.08 9.15
C ARG B 230 27.21 28.16 8.11
N GLU B 231 28.36 28.09 7.44
CA GLU B 231 28.69 29.11 6.45
C GLU B 231 27.82 28.98 5.21
N GLY B 232 27.48 27.75 4.83
CA GLY B 232 26.53 27.55 3.75
C GLY B 232 27.15 27.33 2.39
N MET B 233 28.25 26.56 2.34
CA MET B 233 28.93 26.29 1.08
C MET B 233 29.67 24.97 1.18
N CYS B 234 30.07 24.45 0.02
CA CYS B 234 30.71 23.14 -0.07
C CYS B 234 32.06 23.16 0.64
N ARG B 235 32.57 21.99 0.96
CA ARG B 235 33.89 21.88 1.61
C ARG B 235 34.78 20.87 0.89
N GLN B 236 34.19 19.76 0.44
CA GLN B 236 34.94 18.68 -0.17
C GLN B 236 34.12 18.08 -1.30
N THR B 237 34.81 17.43 -2.25
CA THR B 237 34.17 16.76 -3.37
C THR B 237 34.64 15.31 -3.43
N PHE B 238 33.75 14.41 -3.84
CA PHE B 238 34.03 12.98 -3.87
C PHE B 238 33.57 12.41 -5.21
N THR B 239 34.46 11.67 -5.87
CA THR B 239 34.15 11.02 -7.13
C THR B 239 34.60 9.57 -7.06
N GLY B 240 34.18 8.79 -8.07
CA GLY B 240 34.57 7.39 -8.14
C GLY B 240 33.52 6.45 -8.67
N HIS B 241 32.33 6.98 -8.98
CA HIS B 241 31.24 6.19 -9.54
C HIS B 241 31.10 6.45 -11.03
N GLU B 242 30.54 5.46 -11.72
CA GLU B 242 30.31 5.55 -13.16
C GLU B 242 28.91 6.06 -13.48
N SER B 243 27.89 5.46 -12.86
CA SER B 243 26.51 5.86 -13.09
C SER B 243 26.07 6.87 -12.05
N ASP B 244 24.79 7.20 -12.04
CA ASP B 244 24.25 8.18 -11.11
C ASP B 244 24.27 7.64 -9.68
N ILE B 245 23.80 8.46 -8.74
CA ILE B 245 23.77 8.12 -7.33
C ILE B 245 22.32 8.08 -6.87
N ASN B 246 21.91 6.97 -6.28
CA ASN B 246 20.54 6.78 -5.84
C ASN B 246 20.37 6.81 -4.32
N ALA B 247 21.42 6.51 -3.56
CA ALA B 247 21.27 6.46 -2.11
C ALA B 247 22.61 6.71 -1.44
N ILE B 248 22.59 7.51 -0.38
CA ILE B 248 23.77 7.82 0.40
C ILE B 248 23.41 7.71 1.88
N CYS B 249 24.42 7.49 2.72
CA CYS B 249 24.19 7.37 4.16
C CYS B 249 25.52 7.46 4.89
N PHE B 250 25.55 8.23 5.99
CA PHE B 250 26.73 8.31 6.83
C PHE B 250 27.04 7.02 7.58
N PHE B 251 28.16 7.00 8.29
CA PHE B 251 28.67 5.97 9.16
C PHE B 251 28.42 6.37 10.62
N PRO B 252 28.16 5.42 11.51
CA PRO B 252 27.85 5.80 12.90
C PRO B 252 28.93 6.60 13.58
N ASN B 253 30.20 6.36 13.24
CA ASN B 253 31.28 7.15 13.81
C ASN B 253 31.22 8.61 13.36
N GLY B 254 30.78 8.86 12.13
CA GLY B 254 30.70 10.20 11.59
C GLY B 254 31.88 10.62 10.74
N ASN B 255 32.83 9.72 10.48
CA ASN B 255 34.01 10.01 9.68
C ASN B 255 34.03 9.18 8.40
N ALA B 256 32.86 8.71 7.98
CA ALA B 256 32.74 7.91 6.77
C ALA B 256 31.29 7.92 6.33
N PHE B 257 31.05 7.50 5.09
CA PHE B 257 29.69 7.38 4.57
C PHE B 257 29.69 6.42 3.39
N ALA B 258 28.68 5.57 3.31
CA ALA B 258 28.51 4.67 2.18
C ALA B 258 27.82 5.42 1.04
N THR B 259 27.66 4.74 -0.09
CA THR B 259 27.04 5.37 -1.25
C THR B 259 26.49 4.32 -2.21
N GLY B 260 25.29 4.54 -2.73
CA GLY B 260 24.70 3.64 -3.70
C GLY B 260 24.69 4.20 -5.11
N SER B 261 24.60 3.31 -6.10
CA SER B 261 24.61 3.73 -7.50
C SER B 261 23.76 2.79 -8.35
N ASP B 262 23.95 2.82 -9.66
CA ASP B 262 23.15 1.98 -10.56
C ASP B 262 23.99 0.95 -11.28
N ASP B 263 25.30 0.89 -10.98
CA ASP B 263 26.19 -0.06 -11.61
C ASP B 263 26.53 -1.24 -10.70
N ALA B 264 25.61 -1.62 -9.81
CA ALA B 264 25.77 -2.78 -8.93
C ALA B 264 27.00 -2.64 -8.03
N THR B 265 27.43 -1.41 -7.77
CA THR B 265 28.58 -1.16 -6.91
C THR B 265 28.21 -0.11 -5.87
N CYS B 266 28.47 -0.42 -4.61
CA CYS B 266 28.35 0.52 -3.51
C CYS B 266 29.70 0.66 -2.83
N ARG B 267 30.07 1.90 -2.51
CA ARG B 267 31.43 2.20 -2.07
C ARG B 267 31.40 2.93 -0.73
N LEU B 268 32.52 2.85 -0.02
CA LEU B 268 32.69 3.51 1.27
C LEU B 268 33.77 4.58 1.14
N PHE B 269 33.47 5.79 1.61
CA PHE B 269 34.33 6.94 1.47
C PHE B 269 34.77 7.44 2.83
N ASP B 270 35.82 8.26 2.85
CA ASP B 270 36.38 8.81 4.07
C ASP B 270 36.43 10.32 3.98
N LEU B 271 35.88 11.00 4.99
CA LEU B 271 35.95 12.46 5.04
C LEU B 271 37.35 12.93 5.41
N ARG B 272 37.99 12.27 6.38
CA ARG B 272 39.27 12.76 6.89
C ARG B 272 40.38 12.59 5.87
N ALA B 273 40.44 11.44 5.20
CA ALA B 273 41.50 11.14 4.26
C ALA B 273 41.15 11.54 2.83
N ASP B 274 39.88 11.80 2.54
CA ASP B 274 39.43 12.17 1.21
C ASP B 274 39.88 11.15 0.17
N GLN B 275 39.55 9.88 0.38
CA GLN B 275 40.01 8.81 -0.48
C GLN B 275 38.83 7.93 -0.84
N GLU B 276 39.11 6.84 -1.54
CA GLU B 276 38.13 5.79 -1.80
C GLU B 276 38.66 4.49 -1.23
N LEU B 277 38.10 4.07 -0.10
CA LEU B 277 38.67 2.97 0.67
C LEU B 277 38.34 1.61 0.07
N MET B 278 37.05 1.30 -0.03
CA MET B 278 36.66 -0.07 -0.31
C MET B 278 35.44 -0.12 -1.21
N THR B 279 35.36 -1.16 -2.04
CA THR B 279 34.31 -1.30 -3.04
C THR B 279 33.60 -2.63 -2.85
N TYR B 280 32.28 -2.60 -2.89
CA TYR B 280 31.44 -3.79 -2.71
C TYR B 280 30.81 -4.14 -4.05
N SER B 281 31.21 -5.27 -4.62
CA SER B 281 30.68 -5.67 -5.93
C SER B 281 30.86 -7.15 -6.18
N HIS B 282 29.87 -7.78 -6.80
CA HIS B 282 29.93 -9.19 -7.15
C HIS B 282 29.18 -9.35 -8.47
N ASP B 283 29.78 -10.08 -9.41
CA ASP B 283 29.25 -10.10 -10.78
C ASP B 283 27.90 -10.80 -10.88
N ASN B 284 27.48 -11.56 -9.87
CA ASN B 284 26.21 -12.26 -9.95
C ASN B 284 25.01 -11.32 -9.86
N ILE B 285 25.23 -10.06 -9.49
CA ILE B 285 24.17 -9.05 -9.45
C ILE B 285 24.53 -7.94 -10.43
N ILE B 286 23.54 -7.56 -11.26
CA ILE B 286 23.76 -6.58 -12.32
C ILE B 286 22.82 -5.40 -12.10
N CYS B 287 21.82 -5.58 -11.25
CA CYS B 287 20.84 -4.54 -10.97
C CYS B 287 21.48 -3.45 -10.12
N GLY B 288 20.69 -2.44 -9.73
CA GLY B 288 21.25 -1.30 -9.03
C GLY B 288 20.85 -1.17 -7.58
N ILE B 289 21.73 -0.58 -6.78
CA ILE B 289 21.44 -0.30 -5.37
C ILE B 289 20.37 0.76 -5.29
N THR B 290 19.39 0.57 -4.40
CA THR B 290 18.30 1.51 -4.25
C THR B 290 18.29 2.20 -2.89
N SER B 291 18.88 1.60 -1.87
CA SER B 291 18.93 2.22 -0.55
C SER B 291 20.07 1.59 0.24
N VAL B 292 20.70 2.40 1.09
CA VAL B 292 21.81 1.93 1.92
C VAL B 292 21.64 2.44 3.34
N SER B 293 21.81 1.54 4.31
CA SER B 293 21.77 1.90 5.72
C SER B 293 22.77 1.05 6.50
N PHE B 294 23.36 1.64 7.52
CA PHE B 294 24.37 0.97 8.33
C PHE B 294 23.72 0.28 9.54
N SER B 295 24.56 -0.33 10.36
CA SER B 295 24.13 -0.92 11.63
C SER B 295 24.75 -0.14 12.78
N LYS B 296 24.09 -0.19 13.93
CA LYS B 296 24.48 0.64 15.08
C LYS B 296 25.89 0.33 15.54
N SER B 297 26.38 -0.86 15.24
CA SER B 297 27.77 -1.23 15.51
C SER B 297 28.70 -0.88 14.35
N GLY B 298 28.20 -0.92 13.12
CA GLY B 298 29.00 -0.63 11.96
C GLY B 298 29.57 -1.84 11.23
N ARG B 299 29.24 -3.06 11.68
CA ARG B 299 29.77 -4.26 11.06
C ARG B 299 29.05 -4.64 9.77
N LEU B 300 27.83 -4.17 9.57
CA LEU B 300 27.02 -4.54 8.43
C LEU B 300 26.72 -3.32 7.57
N LEU B 301 26.41 -3.58 6.29
CA LEU B 301 26.02 -2.53 5.36
C LEU B 301 24.90 -3.10 4.49
N LEU B 302 23.67 -2.72 4.83
CA LEU B 302 22.48 -3.18 4.12
C LEU B 302 22.42 -2.55 2.74
N ALA B 303 21.86 -3.25 1.75
CA ALA B 303 21.77 -2.71 0.41
C ALA B 303 20.68 -3.40 -0.41
N GLY B 304 19.56 -2.72 -0.63
CA GLY B 304 18.51 -3.26 -1.47
C GLY B 304 18.93 -3.32 -2.93
N TYR B 305 18.24 -4.14 -3.73
CA TYR B 305 18.57 -4.30 -5.13
C TYR B 305 17.30 -4.34 -5.96
N ASP B 306 17.44 -3.98 -7.25
CA ASP B 306 16.29 -4.02 -8.15
C ASP B 306 15.86 -5.43 -8.51
N ASP B 307 16.72 -6.43 -8.26
CA ASP B 307 16.35 -7.79 -8.64
C ASP B 307 15.42 -8.46 -7.64
N PHE B 308 14.72 -7.64 -6.85
CA PHE B 308 13.72 -8.02 -5.86
C PHE B 308 14.37 -8.49 -4.57
N ASN B 309 15.69 -8.39 -4.44
CA ASN B 309 16.42 -8.99 -3.34
C ASN B 309 17.11 -7.91 -2.49
N CYS B 310 17.30 -8.23 -1.21
CA CYS B 310 17.91 -7.32 -0.25
C CYS B 310 19.04 -8.05 0.47
N ASN B 311 20.23 -8.03 -0.13
CA ASN B 311 21.38 -8.72 0.45
C ASN B 311 21.99 -7.96 1.62
N VAL B 312 22.90 -8.61 2.33
CA VAL B 312 23.58 -8.02 3.48
C VAL B 312 25.08 -8.11 3.25
N TRP B 313 25.76 -6.97 3.29
CA TRP B 313 27.19 -6.91 3.00
C TRP B 313 27.97 -6.65 4.27
N ASP B 314 28.98 -7.48 4.52
CA ASP B 314 29.89 -7.22 5.61
C ASP B 314 30.71 -5.96 5.31
N ALA B 315 30.85 -5.12 6.32
CA ALA B 315 31.46 -3.81 6.14
C ALA B 315 32.98 -3.82 6.13
N LEU B 316 33.60 -4.93 6.55
CA LEU B 316 35.05 -4.97 6.72
C LEU B 316 35.72 -6.05 5.87
N LYS B 317 34.97 -6.97 5.27
CA LYS B 317 35.57 -8.07 4.54
C LYS B 317 35.01 -8.21 3.12
N ALA B 318 33.94 -7.48 2.82
CA ALA B 318 33.22 -7.48 1.54
C ALA B 318 32.63 -8.84 1.20
N ASP B 319 32.50 -9.75 2.17
CA ASP B 319 31.87 -11.04 1.92
C ASP B 319 30.42 -11.00 2.38
N ARG B 320 29.52 -11.47 1.52
CA ARG B 320 28.09 -11.43 1.82
C ARG B 320 27.79 -12.29 3.05
N ALA B 321 26.91 -11.78 3.90
CA ALA B 321 26.60 -12.42 5.18
C ALA B 321 25.11 -12.68 5.31
N GLY B 322 24.51 -13.23 4.27
CA GLY B 322 23.10 -13.60 4.34
C GLY B 322 22.26 -12.88 3.31
N VAL B 323 21.06 -13.41 3.10
CA VAL B 323 20.11 -12.89 2.13
C VAL B 323 18.76 -12.73 2.82
N LEU B 324 18.04 -11.68 2.43
CA LEU B 324 16.74 -11.36 3.01
C LEU B 324 15.69 -11.27 1.92
N ALA B 325 15.66 -12.28 1.04
CA ALA B 325 14.65 -12.32 0.00
C ALA B 325 13.26 -12.52 0.59
N GLY B 326 12.25 -12.24 -0.22
CA GLY B 326 10.88 -12.33 0.25
C GLY B 326 10.00 -11.19 -0.23
N HIS B 327 10.54 -10.35 -1.10
CA HIS B 327 9.80 -9.23 -1.69
C HIS B 327 9.39 -9.60 -3.11
N ASP B 328 8.16 -9.25 -3.48
CA ASP B 328 7.60 -9.61 -4.77
C ASP B 328 7.84 -8.56 -5.85
N ASN B 329 8.56 -7.48 -5.53
CA ASN B 329 8.83 -6.44 -6.50
C ASN B 329 10.04 -5.64 -6.03
N ARG B 330 10.31 -4.53 -6.70
CA ARG B 330 11.46 -3.70 -6.39
C ARG B 330 11.42 -3.22 -4.95
N VAL B 331 12.59 -3.21 -4.30
CA VAL B 331 12.76 -2.65 -2.97
C VAL B 331 13.21 -1.21 -3.12
N SER B 332 12.53 -0.29 -2.43
CA SER B 332 12.79 1.14 -2.64
C SER B 332 13.49 1.79 -1.47
N CYS B 333 13.14 1.43 -0.24
CA CYS B 333 13.64 2.13 0.94
C CYS B 333 13.95 1.15 2.06
N LEU B 334 14.93 1.51 2.88
CA LEU B 334 15.32 0.75 4.06
C LEU B 334 15.49 1.71 5.23
N GLY B 335 15.62 1.13 6.42
CA GLY B 335 15.91 1.92 7.60
C GLY B 335 16.25 1.07 8.81
N VAL B 336 17.38 1.36 9.45
CA VAL B 336 17.72 0.63 10.66
C VAL B 336 17.17 1.38 11.88
N THR B 337 16.84 0.63 12.91
CA THR B 337 16.24 1.20 14.11
C THR B 337 17.27 2.03 14.87
N ASP B 338 16.78 3.07 15.55
CA ASP B 338 17.69 3.95 16.30
C ASP B 338 18.42 3.21 17.41
N ASP B 339 17.73 2.35 18.15
CA ASP B 339 18.41 1.55 19.16
C ASP B 339 19.15 0.36 18.54
N GLY B 340 18.84 0.04 17.29
CA GLY B 340 19.55 -0.99 16.56
C GLY B 340 19.06 -2.41 16.75
N MET B 341 17.76 -2.63 16.86
CA MET B 341 17.22 -3.95 17.10
C MET B 341 16.43 -4.51 15.92
N ALA B 342 16.15 -3.71 14.90
CA ALA B 342 15.35 -4.19 13.79
C ALA B 342 15.64 -3.34 12.55
N VAL B 343 15.30 -3.88 11.39
CA VAL B 343 15.41 -3.17 10.13
C VAL B 343 14.14 -3.39 9.33
N ALA B 344 13.65 -2.34 8.69
CA ALA B 344 12.41 -2.37 7.93
C ALA B 344 12.71 -2.08 6.47
N THR B 345 12.19 -2.92 5.57
CA THR B 345 12.35 -2.71 4.14
C THR B 345 10.98 -2.49 3.50
N GLY B 346 10.88 -1.45 2.68
CA GLY B 346 9.68 -1.19 1.91
C GLY B 346 9.89 -1.57 0.46
N SER B 347 8.80 -1.93 -0.21
CA SER B 347 8.95 -2.42 -1.60
C SER B 347 7.85 -1.82 -2.47
N TRP B 348 7.92 -2.10 -3.76
CA TRP B 348 6.90 -1.63 -4.69
C TRP B 348 5.72 -2.57 -4.81
N ASP B 349 5.61 -3.52 -3.87
CA ASP B 349 4.46 -4.46 -3.85
C ASP B 349 3.50 -4.05 -2.73
N SER B 350 3.66 -2.85 -2.16
CA SER B 350 2.77 -2.31 -1.13
C SER B 350 2.74 -3.21 0.11
N PHE B 351 3.93 -3.50 0.65
CA PHE B 351 4.03 -4.34 1.85
C PHE B 351 5.30 -3.95 2.60
N LEU B 352 5.14 -3.46 3.83
CA LEU B 352 6.26 -3.23 4.72
C LEU B 352 6.53 -4.48 5.54
N LYS B 353 7.81 -4.81 5.71
CA LYS B 353 8.22 -5.99 6.46
C LYS B 353 9.22 -5.58 7.52
N ILE B 354 8.94 -5.94 8.77
CA ILE B 354 9.82 -5.59 9.90
C ILE B 354 10.72 -6.80 10.11
N TRP B 355 11.88 -6.78 9.46
CA TRP B 355 12.83 -7.87 9.62
C TRP B 355 13.56 -7.75 10.95
N ASN B 356 14.38 -8.75 11.28
CA ASN B 356 15.10 -8.76 12.55
C ASN B 356 16.21 -9.79 12.50
N SER C 150 -11.33 -61.98 -17.42
CA SER C 150 -12.11 -62.00 -16.19
C SER C 150 -11.41 -61.24 -15.07
N ASN C 151 -10.60 -61.95 -14.30
CA ASN C 151 -9.90 -61.33 -13.18
C ASN C 151 -8.92 -60.26 -13.66
N ASP C 152 -8.24 -60.52 -14.78
CA ASP C 152 -7.33 -59.53 -15.33
C ASP C 152 -8.06 -58.25 -15.74
N VAL C 153 -9.26 -58.40 -16.30
CA VAL C 153 -10.05 -57.23 -16.68
C VAL C 153 -10.39 -56.40 -15.46
N ARG C 154 -10.82 -57.07 -14.38
CA ARG C 154 -11.14 -56.36 -13.15
C ARG C 154 -9.91 -55.67 -12.57
N ALA C 155 -8.76 -56.35 -12.60
CA ALA C 155 -7.53 -55.74 -12.09
C ALA C 155 -7.14 -54.50 -12.89
N SER C 156 -7.26 -54.58 -14.22
CA SER C 156 -7.00 -53.41 -15.06
C SER C 156 -7.97 -52.29 -14.75
N LEU C 157 -9.23 -52.63 -14.49
CA LEU C 157 -10.22 -51.62 -14.11
C LEU C 157 -9.82 -50.93 -12.81
N TYR C 158 -9.41 -51.71 -11.81
CA TYR C 158 -8.96 -51.12 -10.56
C TYR C 158 -7.76 -50.21 -10.79
N SER C 159 -6.81 -50.65 -11.61
CA SER C 159 -5.62 -49.83 -11.89
C SER C 159 -6.01 -48.50 -12.53
N LEU C 160 -6.87 -48.55 -13.54
CA LEU C 160 -7.30 -47.32 -14.22
C LEU C 160 -8.02 -46.39 -13.25
N MET C 161 -8.95 -46.94 -12.46
CA MET C 161 -9.73 -46.11 -11.55
C MET C 161 -8.84 -45.47 -10.49
N VAL C 162 -7.90 -46.23 -9.93
CA VAL C 162 -7.03 -45.67 -8.90
C VAL C 162 -6.09 -44.64 -9.50
N LEU C 163 -5.63 -44.86 -10.73
CA LEU C 163 -4.83 -43.84 -11.41
C LEU C 163 -5.61 -42.54 -11.55
N ILE C 164 -6.88 -42.64 -11.96
CA ILE C 164 -7.70 -41.45 -12.10
C ILE C 164 -7.86 -40.74 -10.75
N ILE C 165 -8.11 -41.52 -9.70
CA ILE C 165 -8.31 -40.92 -8.38
C ILE C 165 -7.06 -40.17 -7.93
N LEU C 166 -5.90 -40.81 -8.03
CA LEU C 166 -4.67 -40.16 -7.62
C LEU C 166 -4.38 -38.92 -8.45
N THR C 167 -4.62 -38.98 -9.77
CA THR C 167 -4.39 -37.81 -10.61
C THR C 167 -5.28 -36.66 -10.17
N THR C 168 -6.57 -36.94 -9.91
CA THR C 168 -7.49 -35.90 -9.45
C THR C 168 -6.96 -35.25 -8.18
N LEU C 169 -6.64 -36.08 -7.17
CA LEU C 169 -6.22 -35.53 -5.88
C LEU C 169 -4.95 -34.70 -6.03
N VAL C 170 -3.94 -35.22 -6.74
CA VAL C 170 -2.66 -34.51 -6.79
C VAL C 170 -2.81 -33.20 -7.56
N GLY C 171 -3.46 -33.22 -8.73
CA GLY C 171 -3.58 -32.00 -9.51
C GLY C 171 -4.38 -30.93 -8.78
N ASN C 172 -5.49 -31.32 -8.17
CA ASN C 172 -6.29 -30.35 -7.45
C ASN C 172 -5.55 -29.82 -6.23
N LEU C 173 -4.76 -30.67 -5.56
CA LEU C 173 -3.98 -30.20 -4.43
C LEU C 173 -2.95 -29.16 -4.84
N ILE C 174 -2.28 -29.39 -5.98
CA ILE C 174 -1.33 -28.39 -6.47
C ILE C 174 -2.05 -27.08 -6.76
N VAL C 175 -3.23 -27.15 -7.39
CA VAL C 175 -3.97 -25.92 -7.70
C VAL C 175 -4.31 -25.17 -6.42
N ILE C 176 -4.83 -25.89 -5.43
CA ILE C 176 -5.23 -25.24 -4.17
C ILE C 176 -4.03 -24.60 -3.49
N VAL C 177 -2.93 -25.33 -3.40
CA VAL C 177 -1.75 -24.83 -2.70
C VAL C 177 -1.18 -23.60 -3.40
N SER C 178 -1.07 -23.67 -4.72
CA SER C 178 -0.50 -22.55 -5.47
C SER C 178 -1.37 -21.30 -5.34
N ILE C 179 -2.69 -21.45 -5.41
CA ILE C 179 -3.55 -20.28 -5.29
C ILE C 179 -3.52 -19.75 -3.86
N SER C 180 -3.48 -20.63 -2.87
CA SER C 180 -3.62 -20.20 -1.48
C SER C 180 -2.35 -19.55 -0.94
N HIS C 181 -1.17 -20.06 -1.32
CA HIS C 181 0.06 -19.61 -0.69
C HIS C 181 0.49 -18.24 -1.19
N PHE C 182 0.61 -18.08 -2.50
CA PHE C 182 1.19 -16.86 -3.06
C PHE C 182 0.28 -15.65 -2.81
N LYS C 183 0.91 -14.50 -2.58
CA LYS C 183 0.18 -13.28 -2.27
C LYS C 183 -0.19 -12.48 -3.51
N GLN C 184 0.53 -12.65 -4.62
CA GLN C 184 0.19 -11.95 -5.86
C GLN C 184 -1.02 -12.56 -6.56
N LEU C 185 -1.36 -13.81 -6.26
CA LEU C 185 -2.51 -14.48 -6.85
C LEU C 185 -3.73 -14.38 -5.93
N HIS C 186 -4.16 -13.15 -5.68
CA HIS C 186 -5.33 -12.89 -4.87
C HIS C 186 -6.42 -12.17 -5.66
N THR C 187 -6.35 -12.19 -6.98
CA THR C 187 -7.41 -11.63 -7.79
C THR C 187 -8.66 -12.49 -7.66
N PRO C 188 -9.85 -11.88 -7.68
CA PRO C 188 -11.08 -12.64 -7.40
C PRO C 188 -11.32 -13.83 -8.32
N THR C 189 -10.93 -13.74 -9.60
CA THR C 189 -11.08 -14.91 -10.47
C THR C 189 -10.26 -16.09 -9.96
N ASN C 190 -9.12 -15.81 -9.33
CA ASN C 190 -8.37 -16.89 -8.69
C ASN C 190 -9.10 -17.44 -7.48
N TRP C 191 -9.90 -16.61 -6.80
CA TRP C 191 -10.76 -17.13 -5.73
C TRP C 191 -11.79 -18.09 -6.29
N LEU C 192 -12.40 -17.76 -7.44
CA LEU C 192 -13.33 -18.69 -8.08
C LEU C 192 -12.64 -19.99 -8.44
N ILE C 193 -11.43 -19.91 -9.00
CA ILE C 193 -10.70 -21.12 -9.37
C ILE C 193 -10.39 -21.96 -8.14
N HIS C 194 -10.01 -21.31 -7.04
CA HIS C 194 -9.70 -22.04 -5.80
C HIS C 194 -10.94 -22.73 -5.25
N SER C 195 -12.10 -22.06 -5.26
CA SER C 195 -13.32 -22.70 -4.78
C SER C 195 -13.70 -23.89 -5.63
N MET C 196 -13.59 -23.74 -6.97
CA MET C 196 -13.88 -24.85 -7.86
C MET C 196 -12.94 -26.03 -7.59
N ALA C 197 -11.66 -25.74 -7.36
CA ALA C 197 -10.71 -26.80 -7.03
C ALA C 197 -11.10 -27.49 -5.73
N THR C 198 -11.53 -26.71 -4.72
CA THR C 198 -11.95 -27.32 -3.46
C THR C 198 -13.13 -28.27 -3.68
N VAL C 199 -14.11 -27.85 -4.49
CA VAL C 199 -15.25 -28.72 -4.78
C VAL C 199 -14.77 -30.02 -5.42
N ASP C 200 -13.92 -29.91 -6.44
CA ASP C 200 -13.48 -31.11 -7.15
C ASP C 200 -12.67 -32.03 -6.24
N PHE C 201 -11.84 -31.46 -5.37
CA PHE C 201 -11.04 -32.27 -4.45
C PHE C 201 -11.92 -32.98 -3.44
N LEU C 202 -12.93 -32.29 -2.91
CA LEU C 202 -13.85 -32.95 -1.98
C LEU C 202 -14.59 -34.09 -2.66
N LEU C 203 -15.02 -33.88 -3.91
CA LEU C 203 -15.60 -34.99 -4.66
C LEU C 203 -14.63 -36.15 -4.75
N GLY C 204 -13.39 -35.86 -5.13
CA GLY C 204 -12.41 -36.91 -5.31
C GLY C 204 -12.14 -37.71 -4.05
N CYS C 205 -12.05 -37.04 -2.91
CA CYS C 205 -11.70 -37.72 -1.67
C CYS C 205 -12.92 -38.15 -0.86
N LEU C 206 -14.14 -37.90 -1.34
CA LEU C 206 -15.32 -38.38 -0.63
C LEU C 206 -16.14 -39.41 -1.39
N VAL C 207 -16.10 -39.44 -2.73
CA VAL C 207 -16.99 -40.28 -3.51
C VAL C 207 -16.25 -41.38 -4.25
N MET C 208 -15.12 -41.05 -4.88
CA MET C 208 -14.53 -41.96 -5.87
C MET C 208 -14.24 -43.37 -5.38
N PRO C 209 -13.69 -43.60 -4.18
CA PRO C 209 -13.47 -44.99 -3.75
C PRO C 209 -14.75 -45.81 -3.62
N TYR C 210 -15.84 -45.19 -3.18
CA TYR C 210 -17.07 -45.93 -3.00
C TYR C 210 -17.72 -46.26 -4.33
N SER C 211 -17.68 -45.32 -5.29
CA SER C 211 -18.11 -45.65 -6.64
C SER C 211 -17.21 -46.73 -7.25
N MET C 212 -15.91 -46.70 -6.91
CA MET C 212 -14.99 -47.76 -7.31
C MET C 212 -15.50 -49.12 -6.86
N VAL C 213 -15.79 -49.26 -5.56
CA VAL C 213 -16.18 -50.57 -5.05
C VAL C 213 -17.57 -50.95 -5.55
N ARG C 214 -18.44 -49.97 -5.81
CA ARG C 214 -19.77 -50.28 -6.31
C ARG C 214 -19.71 -50.77 -7.77
N SER C 215 -18.92 -50.11 -8.60
CA SER C 215 -18.83 -50.48 -10.01
C SER C 215 -17.99 -51.72 -10.24
N ALA C 216 -16.97 -51.95 -9.40
CA ALA C 216 -16.09 -53.09 -9.60
C ALA C 216 -16.84 -54.41 -9.43
N GLU C 217 -17.65 -54.53 -8.39
CA GLU C 217 -18.47 -55.71 -8.14
C GLU C 217 -19.90 -55.26 -7.93
N HIS C 218 -20.85 -55.93 -8.61
CA HIS C 218 -22.25 -55.52 -8.61
C HIS C 218 -22.90 -55.89 -7.28
N CYS C 219 -22.58 -55.10 -6.26
CA CYS C 219 -23.24 -55.20 -4.95
C CYS C 219 -22.83 -54.01 -4.11
N TRP C 220 -23.54 -53.84 -2.99
CA TRP C 220 -23.34 -52.71 -2.08
C TRP C 220 -23.23 -53.25 -0.66
N TYR C 221 -22.00 -53.40 -0.17
CA TYR C 221 -21.79 -53.83 1.21
C TYR C 221 -21.67 -52.66 2.18
N PHE C 222 -22.55 -51.67 2.07
CA PHE C 222 -22.52 -50.53 2.97
C PHE C 222 -23.87 -50.21 3.61
N GLY C 223 -24.94 -50.92 3.25
CA GLY C 223 -26.22 -50.71 3.87
C GLY C 223 -26.98 -49.52 3.29
N GLU C 224 -28.21 -49.37 3.76
CA GLU C 224 -29.11 -48.35 3.23
C GLU C 224 -28.71 -46.94 3.67
N VAL C 225 -28.06 -46.82 4.84
CA VAL C 225 -27.80 -45.51 5.41
C VAL C 225 -26.81 -44.70 4.56
N PHE C 226 -25.83 -45.37 3.94
CA PHE C 226 -24.79 -44.65 3.23
C PHE C 226 -25.08 -44.44 1.76
N CYS C 227 -26.02 -45.20 1.18
CA CYS C 227 -26.38 -45.00 -0.22
C CYS C 227 -26.94 -43.60 -0.46
N LYS C 228 -27.82 -43.15 0.44
CA LYS C 228 -28.40 -41.82 0.29
C LYS C 228 -27.32 -40.74 0.38
N ILE C 229 -26.38 -40.91 1.32
CA ILE C 229 -25.29 -39.96 1.45
C ILE C 229 -24.46 -39.95 0.17
N HIS C 230 -24.18 -41.12 -0.40
CA HIS C 230 -23.38 -41.21 -1.61
C HIS C 230 -24.05 -40.50 -2.77
N THR C 231 -25.35 -40.77 -3.01
CA THR C 231 -26.04 -40.13 -4.12
C THR C 231 -26.14 -38.63 -3.92
N SER C 232 -26.42 -38.19 -2.69
CA SER C 232 -26.50 -36.76 -2.42
C SER C 232 -25.15 -36.08 -2.67
N THR C 233 -24.07 -36.70 -2.24
CA THR C 233 -22.75 -36.11 -2.48
C THR C 233 -22.44 -36.04 -3.96
N ASP C 234 -22.76 -37.11 -4.70
CA ASP C 234 -22.61 -37.09 -6.15
C ASP C 234 -23.30 -35.88 -6.78
N ILE C 235 -24.60 -35.76 -6.55
CA ILE C 235 -25.37 -34.70 -7.20
C ILE C 235 -24.85 -33.34 -6.76
N MET C 236 -24.65 -33.16 -5.45
CA MET C 236 -24.14 -31.91 -4.91
C MET C 236 -22.87 -31.47 -5.62
N LEU C 237 -21.86 -32.34 -5.64
CA LEU C 237 -20.56 -31.88 -6.10
C LEU C 237 -20.48 -31.78 -7.62
N SER C 238 -21.19 -32.64 -8.36
CA SER C 238 -21.24 -32.46 -9.80
C SER C 238 -21.89 -31.14 -10.18
N SER C 239 -23.04 -30.83 -9.55
CA SER C 239 -23.68 -29.55 -9.82
C SER C 239 -22.80 -28.38 -9.39
N ALA C 240 -22.06 -28.51 -8.30
CA ALA C 240 -21.17 -27.45 -7.88
C ALA C 240 -20.09 -27.18 -8.92
N SER C 241 -19.50 -28.25 -9.48
CA SER C 241 -18.50 -28.06 -10.52
C SER C 241 -19.08 -27.35 -11.74
N ILE C 242 -20.26 -27.79 -12.19
CA ILE C 242 -20.86 -27.18 -13.37
C ILE C 242 -21.14 -25.70 -13.14
N PHE C 243 -21.72 -25.37 -11.97
CA PHE C 243 -22.03 -23.98 -11.68
C PHE C 243 -20.76 -23.13 -11.61
N HIS C 244 -19.69 -23.68 -11.03
CA HIS C 244 -18.45 -22.92 -10.96
C HIS C 244 -17.91 -22.62 -12.36
N LEU C 245 -17.98 -23.60 -13.27
CA LEU C 245 -17.52 -23.35 -14.64
C LEU C 245 -18.35 -22.27 -15.31
N SER C 246 -19.68 -22.30 -15.12
CA SER C 246 -20.54 -21.28 -15.71
C SER C 246 -20.19 -19.89 -15.18
N PHE C 247 -19.94 -19.77 -13.87
CA PHE C 247 -19.61 -18.48 -13.31
C PHE C 247 -18.25 -17.98 -13.80
N ILE C 248 -17.30 -18.88 -14.00
CA ILE C 248 -16.02 -18.48 -14.59
C ILE C 248 -16.25 -17.91 -15.98
N SER C 249 -17.12 -18.54 -16.77
CA SER C 249 -17.38 -18.02 -18.12
C SER C 249 -18.01 -16.63 -18.05
N ILE C 250 -18.96 -16.42 -17.14
CA ILE C 250 -19.57 -15.09 -17.03
C ILE C 250 -18.54 -14.03 -16.65
N ASP C 251 -17.66 -14.36 -15.70
CA ASP C 251 -16.61 -13.42 -15.31
C ASP C 251 -15.70 -13.10 -16.48
N ARG C 252 -15.36 -14.12 -17.28
CA ARG C 252 -14.50 -13.87 -18.44
C ARG C 252 -15.20 -13.02 -19.49
N TYR C 253 -16.51 -13.18 -19.65
CA TYR C 253 -17.25 -12.34 -20.59
C TYR C 253 -17.26 -10.88 -20.13
N TYR C 254 -17.37 -10.64 -18.84
CA TYR C 254 -17.38 -9.25 -18.39
C TYR C 254 -16.03 -8.56 -18.52
N ALA C 255 -15.01 -9.21 -19.10
CA ALA C 255 -13.68 -8.62 -19.19
C ALA C 255 -13.33 -8.12 -20.57
N VAL C 256 -13.85 -8.73 -21.63
CA VAL C 256 -13.54 -8.34 -22.99
C VAL C 256 -14.76 -7.82 -23.73
N CYS C 257 -15.79 -7.41 -23.00
CA CYS C 257 -16.94 -6.74 -23.61
C CYS C 257 -17.32 -5.44 -22.92
N ASP C 258 -16.95 -5.25 -21.66
CA ASP C 258 -17.13 -3.99 -20.95
C ASP C 258 -15.82 -3.65 -20.25
N PRO C 259 -14.77 -3.35 -21.02
CA PRO C 259 -13.43 -3.27 -20.42
C PRO C 259 -13.18 -2.04 -19.57
N LEU C 260 -13.95 -0.97 -19.75
CA LEU C 260 -13.74 0.24 -18.96
C LEU C 260 -14.33 0.13 -17.56
N ARG C 261 -15.14 -0.89 -17.28
CA ARG C 261 -15.78 -1.05 -15.99
C ARG C 261 -15.66 -2.49 -15.52
N TYR C 262 -14.53 -3.15 -15.80
CA TYR C 262 -14.34 -4.51 -15.34
C TYR C 262 -14.14 -4.55 -13.83
N LYS C 263 -13.25 -3.70 -13.31
CA LYS C 263 -12.95 -3.70 -11.88
C LYS C 263 -13.96 -2.92 -11.06
N ALA C 264 -14.83 -2.13 -11.70
CA ALA C 264 -15.82 -1.36 -10.96
C ALA C 264 -17.05 -2.18 -10.60
N LYS C 265 -17.21 -3.37 -11.17
CA LYS C 265 -18.34 -4.22 -10.84
C LYS C 265 -17.96 -5.66 -10.49
N MET C 266 -16.88 -6.19 -11.05
CA MET C 266 -16.45 -7.55 -10.73
C MET C 266 -15.43 -7.54 -9.60
N ASN C 267 -15.89 -7.05 -8.45
CA ASN C 267 -15.11 -7.01 -7.22
C ASN C 267 -15.37 -8.27 -6.39
N ILE C 268 -14.79 -8.32 -5.19
CA ILE C 268 -14.74 -9.56 -4.43
C ILE C 268 -16.08 -9.89 -3.78
N LEU C 269 -16.95 -8.90 -3.57
CA LEU C 269 -18.27 -9.19 -3.01
C LEU C 269 -19.08 -10.06 -3.95
N VAL C 270 -19.08 -9.73 -5.24
CA VAL C 270 -19.83 -10.53 -6.21
C VAL C 270 -19.24 -11.92 -6.32
N ILE C 271 -17.92 -12.05 -6.19
CA ILE C 271 -17.28 -13.36 -6.25
C ILE C 271 -17.68 -14.21 -5.04
N CYS C 272 -17.73 -13.61 -3.86
CA CYS C 272 -18.19 -14.34 -2.69
C CYS C 272 -19.65 -14.76 -2.84
N VAL C 273 -20.47 -13.89 -3.42
CA VAL C 273 -21.86 -14.26 -3.68
C VAL C 273 -21.93 -15.44 -4.63
N MET C 274 -21.10 -15.43 -5.68
CA MET C 274 -21.08 -16.54 -6.63
C MET C 274 -20.69 -17.84 -5.96
N ILE C 275 -19.64 -17.81 -5.12
CA ILE C 275 -19.20 -19.02 -4.44
C ILE C 275 -20.30 -19.55 -3.52
N PHE C 276 -20.95 -18.64 -2.77
CA PHE C 276 -22.01 -19.07 -1.87
C PHE C 276 -23.16 -19.71 -2.63
N ILE C 277 -23.58 -19.10 -3.74
CA ILE C 277 -24.68 -19.66 -4.53
C ILE C 277 -24.28 -21.03 -5.07
N SER C 278 -23.06 -21.14 -5.61
CA SER C 278 -22.61 -22.39 -6.20
C SER C 278 -22.54 -23.51 -5.17
N TRP C 279 -22.14 -23.19 -3.94
CA TRP C 279 -22.12 -24.19 -2.88
C TRP C 279 -23.49 -24.47 -2.28
N SER C 280 -24.44 -23.54 -2.39
CA SER C 280 -25.69 -23.64 -1.65
C SER C 280 -26.81 -24.26 -2.47
N VAL C 281 -27.09 -23.72 -3.66
CA VAL C 281 -28.26 -24.17 -4.44
C VAL C 281 -28.18 -25.66 -4.76
N PRO C 282 -27.05 -26.22 -5.22
CA PRO C 282 -26.99 -27.68 -5.40
C PRO C 282 -27.31 -28.47 -4.15
N ALA C 283 -26.94 -27.96 -2.97
CA ALA C 283 -27.18 -28.71 -1.73
C ALA C 283 -28.66 -29.02 -1.55
N VAL C 284 -29.50 -27.98 -1.56
CA VAL C 284 -30.93 -28.20 -1.40
C VAL C 284 -31.51 -28.91 -2.61
N PHE C 285 -31.04 -28.55 -3.81
CA PHE C 285 -31.58 -29.16 -5.02
C PHE C 285 -31.35 -30.66 -5.06
N ALA C 286 -30.28 -31.14 -4.43
CA ALA C 286 -30.00 -32.57 -4.35
C ALA C 286 -30.70 -33.23 -3.17
N PHE C 287 -30.61 -32.62 -1.99
CA PHE C 287 -31.18 -33.23 -0.80
C PHE C 287 -32.69 -33.37 -0.90
N GLY C 288 -33.35 -32.41 -1.56
CA GLY C 288 -34.79 -32.47 -1.70
C GLY C 288 -35.26 -33.75 -2.39
N MET C 289 -34.60 -34.12 -3.49
CA MET C 289 -34.98 -35.36 -4.15
C MET C 289 -34.43 -36.58 -3.43
N ILE C 290 -33.22 -36.49 -2.86
CA ILE C 290 -32.58 -37.69 -2.32
C ILE C 290 -33.26 -38.13 -1.03
N PHE C 291 -33.31 -37.24 -0.03
CA PHE C 291 -33.76 -37.66 1.29
C PHE C 291 -35.27 -37.54 1.45
N LEU C 292 -35.89 -36.56 0.80
CA LEU C 292 -37.31 -36.32 0.97
C LEU C 292 -38.18 -37.13 0.01
N GLU C 293 -37.57 -38.02 -0.79
CA GLU C 293 -38.29 -38.97 -1.63
C GLU C 293 -39.20 -38.25 -2.62
N LEU C 294 -38.56 -37.49 -3.51
CA LEU C 294 -39.24 -36.82 -4.61
C LEU C 294 -38.98 -37.43 -5.97
N ASN C 295 -37.82 -38.05 -6.17
CA ASN C 295 -37.53 -38.64 -7.47
C ASN C 295 -38.31 -39.92 -7.70
N PHE C 296 -38.52 -40.71 -6.64
CA PHE C 296 -39.12 -42.03 -6.77
C PHE C 296 -40.64 -42.00 -6.84
N LYS C 297 -41.26 -40.83 -6.68
CA LYS C 297 -42.71 -40.74 -6.67
C LYS C 297 -43.28 -41.10 -8.03
N GLY C 298 -44.26 -41.99 -8.04
CA GLY C 298 -44.89 -42.44 -9.25
C GLY C 298 -44.28 -43.70 -9.86
N ALA C 299 -43.09 -44.10 -9.42
CA ALA C 299 -42.43 -45.29 -9.92
C ALA C 299 -41.78 -46.06 -8.78
N GLU C 300 -42.50 -46.22 -7.67
CA GLU C 300 -41.94 -46.91 -6.51
C GLU C 300 -41.62 -48.36 -6.84
N GLU C 301 -42.59 -49.09 -7.40
CA GLU C 301 -42.35 -50.49 -7.75
C GLU C 301 -41.30 -50.61 -8.84
N ILE C 302 -41.28 -49.66 -9.78
CA ILE C 302 -40.27 -49.68 -10.84
C ILE C 302 -38.89 -49.52 -10.24
N TYR C 303 -38.73 -48.58 -9.30
CA TYR C 303 -37.43 -48.41 -8.65
C TYR C 303 -37.05 -49.66 -7.86
N TYR C 304 -38.02 -50.27 -7.16
CA TYR C 304 -37.72 -51.46 -6.37
C TYR C 304 -37.26 -52.62 -7.24
N LYS C 305 -37.91 -52.82 -8.39
CA LYS C 305 -37.49 -53.91 -9.27
C LYS C 305 -36.20 -53.57 -9.99
N HIS C 306 -35.93 -52.29 -10.24
CA HIS C 306 -34.71 -51.90 -10.94
C HIS C 306 -33.49 -52.04 -10.04
N VAL C 307 -33.61 -51.65 -8.77
CA VAL C 307 -32.47 -51.74 -7.86
C VAL C 307 -32.18 -53.19 -7.51
N HIS C 308 -33.22 -54.02 -7.40
CA HIS C 308 -33.05 -55.40 -6.98
C HIS C 308 -32.74 -56.36 -8.12
N CYS C 309 -32.90 -55.94 -9.37
CA CYS C 309 -32.47 -56.77 -10.50
C CYS C 309 -31.00 -56.56 -10.82
N ARG C 310 -30.31 -55.70 -10.10
CA ARG C 310 -28.90 -55.42 -10.32
C ARG C 310 -28.21 -55.41 -8.97
N GLY C 311 -26.97 -54.92 -8.94
CA GLY C 311 -26.18 -54.98 -7.73
C GLY C 311 -26.42 -53.82 -6.77
N GLY C 312 -25.40 -53.01 -6.55
CA GLY C 312 -25.51 -51.90 -5.62
C GLY C 312 -26.60 -50.92 -6.02
N CYS C 313 -26.95 -50.07 -5.06
CA CYS C 313 -28.01 -49.09 -5.27
C CYS C 313 -27.63 -48.12 -6.38
N SER C 314 -28.63 -47.77 -7.20
CA SER C 314 -28.43 -46.96 -8.38
C SER C 314 -28.86 -45.52 -8.12
N VAL C 315 -28.89 -44.71 -9.18
CA VAL C 315 -29.25 -43.30 -9.09
C VAL C 315 -30.52 -43.13 -9.91
N PHE C 316 -31.36 -44.17 -9.89
CA PHE C 316 -32.57 -44.22 -10.71
C PHE C 316 -33.39 -42.94 -10.61
N PHE C 317 -33.58 -42.28 -11.74
CA PHE C 317 -34.38 -41.07 -11.83
C PHE C 317 -35.80 -41.43 -12.25
N SER C 318 -36.60 -40.42 -12.59
CA SER C 318 -37.96 -40.63 -13.10
C SER C 318 -38.15 -39.73 -14.30
N LYS C 319 -39.40 -39.59 -14.74
CA LYS C 319 -39.69 -38.81 -15.95
C LYS C 319 -39.60 -37.32 -15.66
N ILE C 320 -40.51 -36.80 -14.83
CA ILE C 320 -40.56 -35.37 -14.58
C ILE C 320 -39.34 -34.92 -13.77
N SER C 321 -38.95 -35.72 -12.77
CA SER C 321 -37.75 -35.38 -12.00
C SER C 321 -36.52 -35.42 -12.87
N GLY C 322 -36.44 -36.39 -13.78
CA GLY C 322 -35.30 -36.47 -14.67
C GLY C 322 -35.19 -35.27 -15.60
N VAL C 323 -36.31 -34.89 -16.22
CA VAL C 323 -36.26 -33.75 -17.13
C VAL C 323 -35.99 -32.46 -16.37
N LEU C 324 -36.54 -32.33 -15.15
CA LEU C 324 -36.26 -31.13 -14.36
C LEU C 324 -34.80 -31.06 -13.96
N THR C 325 -34.22 -32.18 -13.54
CA THR C 325 -32.80 -32.20 -13.20
C THR C 325 -31.95 -31.84 -14.41
N PHE C 326 -32.28 -32.41 -15.57
CA PHE C 326 -31.57 -32.05 -16.79
C PHE C 326 -31.62 -30.55 -17.04
N MET C 327 -32.83 -30.00 -17.20
CA MET C 327 -33.00 -28.61 -17.57
C MET C 327 -32.48 -27.65 -16.50
N THR C 328 -32.35 -28.09 -15.25
CA THR C 328 -31.87 -27.22 -14.19
C THR C 328 -30.36 -27.29 -14.00
N SER C 329 -29.75 -28.46 -14.20
CA SER C 329 -28.35 -28.64 -13.85
C SER C 329 -27.40 -28.73 -15.04
N PHE C 330 -27.89 -29.00 -16.25
CA PHE C 330 -27.00 -29.10 -17.39
C PHE C 330 -27.34 -28.14 -18.52
N TYR C 331 -28.62 -27.92 -18.79
CA TYR C 331 -28.98 -27.08 -19.93
C TYR C 331 -28.71 -25.61 -19.64
N ILE C 332 -29.38 -25.05 -18.64
CA ILE C 332 -29.25 -23.62 -18.36
C ILE C 332 -27.82 -23.25 -17.93
N PRO C 333 -27.00 -24.14 -17.38
CA PRO C 333 -25.56 -23.85 -17.32
C PRO C 333 -24.78 -24.22 -18.58
N GLY C 334 -25.44 -24.75 -19.61
CA GLY C 334 -24.74 -25.19 -20.80
C GLY C 334 -24.94 -24.28 -21.98
N SER C 335 -25.95 -23.41 -21.90
CA SER C 335 -26.18 -22.40 -22.92
C SER C 335 -25.47 -21.10 -22.64
N ILE C 336 -25.28 -20.76 -21.35
CA ILE C 336 -24.56 -19.55 -21.00
C ILE C 336 -23.13 -19.60 -21.54
N MET C 337 -22.46 -20.73 -21.37
CA MET C 337 -21.11 -20.88 -21.89
C MET C 337 -21.08 -20.71 -23.39
N LEU C 338 -22.02 -21.35 -24.10
CA LEU C 338 -22.01 -21.31 -25.55
C LEU C 338 -22.23 -19.88 -26.06
N CYS C 339 -23.21 -19.18 -25.49
CA CYS C 339 -23.46 -17.80 -25.92
C CYS C 339 -22.26 -16.91 -25.63
N VAL C 340 -21.74 -16.98 -24.40
CA VAL C 340 -20.62 -16.13 -24.01
C VAL C 340 -19.42 -16.37 -24.91
N TYR C 341 -19.09 -17.63 -25.15
CA TYR C 341 -17.90 -17.91 -25.94
C TYR C 341 -18.10 -17.65 -27.42
N TYR C 342 -19.33 -17.74 -27.94
CA TYR C 342 -19.56 -17.28 -29.30
C TYR C 342 -19.32 -15.78 -29.42
N ARG C 343 -19.82 -15.00 -28.48
CA ARG C 343 -19.57 -13.56 -28.51
C ARG C 343 -18.07 -13.27 -28.44
N ILE C 344 -17.38 -13.95 -27.53
CA ILE C 344 -15.95 -13.68 -27.37
C ILE C 344 -15.18 -14.10 -28.61
N TYR C 345 -15.57 -15.20 -29.26
CA TYR C 345 -14.92 -15.60 -30.49
C TYR C 345 -15.11 -14.56 -31.59
N LEU C 346 -16.32 -14.03 -31.72
CA LEU C 346 -16.56 -13.00 -32.73
C LEU C 346 -15.69 -11.77 -32.48
N ILE C 347 -15.64 -11.33 -31.22
CA ILE C 347 -14.87 -10.12 -30.90
C ILE C 347 -13.39 -10.34 -31.12
N ALA C 348 -12.86 -11.50 -30.70
CA ALA C 348 -11.44 -11.78 -30.93
C ALA C 348 -11.13 -11.85 -32.41
N LYS C 349 -12.02 -12.45 -33.20
CA LYS C 349 -11.80 -12.52 -34.64
C LYS C 349 -11.73 -11.14 -35.26
N GLU C 350 -12.70 -10.27 -34.94
CA GLU C 350 -12.70 -8.95 -35.58
C GLU C 350 -11.51 -8.12 -35.12
N GLN C 351 -11.12 -8.20 -33.85
CA GLN C 351 -9.97 -7.44 -33.38
C GLN C 351 -8.68 -7.94 -34.03
N ALA C 352 -8.53 -9.26 -34.16
CA ALA C 352 -7.35 -9.79 -34.84
C ALA C 352 -7.30 -9.34 -36.29
N ARG C 353 -8.44 -9.33 -36.97
CA ARG C 353 -8.46 -8.92 -38.38
C ARG C 353 -8.14 -7.44 -38.51
N LEU C 354 -8.65 -6.61 -37.58
CA LEU C 354 -8.29 -5.20 -37.57
C LEU C 354 -6.80 -5.00 -37.38
N ILE C 355 -6.21 -5.71 -36.42
CA ILE C 355 -4.78 -5.55 -36.16
C ILE C 355 -3.97 -6.02 -37.37
N SER C 356 -4.39 -7.12 -38.00
CA SER C 356 -3.67 -7.61 -39.17
C SER C 356 -3.74 -6.62 -40.32
N ASP C 357 -4.91 -6.04 -40.57
CA ASP C 357 -5.03 -5.06 -41.65
C ASP C 357 -4.29 -3.76 -41.32
N ALA C 358 -4.14 -3.45 -40.03
CA ALA C 358 -3.36 -2.27 -39.64
C ALA C 358 -1.90 -2.42 -40.06
N ASN C 359 -1.35 -3.61 -39.91
CA ASN C 359 0.03 -3.87 -40.31
C ASN C 359 0.14 -3.97 -41.83
N ARG C 378 -6.80 -18.29 -34.89
CA ARG C 378 -5.52 -18.78 -34.40
C ARG C 378 -5.62 -19.18 -32.92
N LYS C 379 -5.08 -18.33 -32.05
CA LYS C 379 -5.07 -18.64 -30.62
C LYS C 379 -6.49 -18.72 -30.06
N ALA C 380 -7.36 -17.81 -30.47
CA ALA C 380 -8.71 -17.75 -29.92
C ALA C 380 -9.46 -19.04 -30.19
N VAL C 381 -9.39 -19.54 -31.43
CA VAL C 381 -10.08 -20.78 -31.78
C VAL C 381 -9.55 -21.93 -30.94
N LYS C 382 -8.22 -22.03 -30.80
CA LYS C 382 -7.64 -23.14 -30.05
C LYS C 382 -8.06 -23.12 -28.59
N THR C 383 -7.94 -21.98 -27.92
CA THR C 383 -8.30 -21.92 -26.50
C THR C 383 -9.79 -22.14 -26.30
N LEU C 384 -10.62 -21.54 -27.16
CA LEU C 384 -12.06 -21.70 -26.98
C LEU C 384 -12.47 -23.15 -27.23
N GLY C 385 -11.84 -23.81 -28.22
CA GLY C 385 -12.13 -25.20 -28.46
C GLY C 385 -11.69 -26.11 -27.33
N ILE C 386 -10.51 -25.84 -26.76
CA ILE C 386 -10.04 -26.71 -25.69
C ILE C 386 -10.84 -26.46 -24.41
N VAL C 387 -11.47 -25.30 -24.28
CA VAL C 387 -12.29 -25.06 -23.10
C VAL C 387 -13.70 -25.62 -23.27
N MET C 388 -14.26 -25.53 -24.47
CA MET C 388 -15.61 -26.02 -24.71
C MET C 388 -15.69 -27.52 -24.96
N GLY C 389 -14.69 -28.10 -25.62
CA GLY C 389 -14.75 -29.51 -25.94
C GLY C 389 -14.67 -30.42 -24.73
N VAL C 390 -13.91 -30.03 -23.71
CA VAL C 390 -13.81 -30.84 -22.50
C VAL C 390 -15.15 -30.93 -21.79
N PHE C 391 -15.85 -29.80 -21.66
CA PHE C 391 -17.12 -29.80 -20.94
C PHE C 391 -18.26 -30.38 -21.77
N LEU C 392 -18.20 -30.25 -23.09
CA LEU C 392 -19.29 -30.70 -23.94
C LEU C 392 -19.18 -32.17 -24.32
N ILE C 393 -18.07 -32.83 -24.04
CA ILE C 393 -17.91 -34.24 -24.38
C ILE C 393 -18.13 -35.15 -23.18
N CYS C 394 -18.07 -34.62 -21.96
CA CYS C 394 -18.18 -35.44 -20.76
C CYS C 394 -19.62 -35.50 -20.25
N TRP C 395 -20.19 -34.35 -19.90
CA TRP C 395 -21.52 -34.34 -19.31
C TRP C 395 -22.62 -34.59 -20.33
N CYS C 396 -22.40 -34.22 -21.59
CA CYS C 396 -23.47 -34.32 -22.59
C CYS C 396 -23.94 -35.76 -22.82
N PRO C 397 -23.08 -36.76 -23.03
CA PRO C 397 -23.61 -38.11 -23.24
C PRO C 397 -24.38 -38.64 -22.04
N PHE C 398 -23.85 -38.45 -20.84
CA PHE C 398 -24.54 -38.95 -19.64
C PHE C 398 -25.89 -38.27 -19.46
N PHE C 399 -25.93 -36.95 -19.63
CA PHE C 399 -27.19 -36.25 -19.43
C PHE C 399 -28.17 -36.51 -20.56
N ILE C 400 -27.70 -36.85 -21.76
CA ILE C 400 -28.62 -37.24 -22.82
C ILE C 400 -29.23 -38.61 -22.51
N CYS C 401 -28.39 -39.56 -22.11
CA CYS C 401 -28.90 -40.90 -21.80
C CYS C 401 -29.84 -40.87 -20.60
N THR C 402 -29.50 -40.10 -19.57
CA THR C 402 -30.32 -40.05 -18.36
C THR C 402 -31.69 -39.46 -18.62
N VAL C 403 -31.79 -38.49 -19.54
CA VAL C 403 -33.08 -37.88 -19.83
C VAL C 403 -33.84 -38.68 -20.88
N MET C 404 -33.15 -39.45 -21.72
CA MET C 404 -33.84 -40.24 -22.73
C MET C 404 -34.38 -41.54 -22.13
N ASP C 405 -33.74 -42.03 -21.07
CA ASP C 405 -34.14 -43.32 -20.50
C ASP C 405 -35.58 -43.36 -20.00
N PRO C 406 -36.08 -42.37 -19.24
CA PRO C 406 -37.48 -42.48 -18.78
C PRO C 406 -38.49 -42.16 -19.87
N PHE C 407 -38.14 -41.28 -20.82
CA PHE C 407 -39.03 -41.02 -21.94
C PHE C 407 -39.22 -42.27 -22.79
N LEU C 408 -38.13 -42.99 -23.05
CA LEU C 408 -38.20 -44.30 -23.70
C LEU C 408 -38.38 -45.35 -22.59
N HIS C 409 -38.27 -46.62 -22.94
CA HIS C 409 -38.23 -47.67 -21.93
C HIS C 409 -36.80 -47.82 -21.41
N TYR C 410 -36.68 -48.39 -20.21
CA TYR C 410 -35.38 -48.50 -19.56
C TYR C 410 -34.55 -49.61 -20.20
N ILE C 411 -34.20 -49.44 -21.46
CA ILE C 411 -33.38 -50.42 -22.19
C ILE C 411 -31.98 -49.84 -22.26
N ILE C 412 -31.15 -50.21 -21.29
CA ILE C 412 -29.77 -49.72 -21.23
C ILE C 412 -28.92 -50.66 -20.37
N PRO C 413 -27.81 -51.14 -20.88
CA PRO C 413 -26.89 -51.93 -20.05
C PRO C 413 -26.42 -51.12 -18.85
N PRO C 414 -26.31 -51.74 -17.68
CA PRO C 414 -25.81 -51.00 -16.50
C PRO C 414 -24.41 -50.48 -16.67
N THR C 415 -23.56 -51.17 -17.44
CA THR C 415 -22.18 -50.73 -17.62
C THR C 415 -22.10 -49.37 -18.32
N LEU C 416 -23.12 -49.04 -19.12
CA LEU C 416 -23.16 -47.72 -19.75
C LEU C 416 -23.24 -46.63 -18.70
N ASN C 417 -24.04 -46.84 -17.66
CA ASN C 417 -24.08 -45.86 -16.57
C ASN C 417 -22.72 -45.72 -15.90
N ASP C 418 -22.00 -46.84 -15.75
CA ASP C 418 -20.67 -46.80 -15.17
C ASP C 418 -19.73 -45.95 -16.02
N VAL C 419 -19.74 -46.17 -17.33
CA VAL C 419 -18.82 -45.41 -18.18
C VAL C 419 -19.24 -43.94 -18.23
N LEU C 420 -20.53 -43.65 -18.12
CA LEU C 420 -20.98 -42.26 -18.15
C LEU C 420 -20.55 -41.52 -16.87
N ILE C 421 -20.74 -42.15 -15.71
CA ILE C 421 -20.30 -41.48 -14.48
C ILE C 421 -18.78 -41.38 -14.44
N TRP C 422 -18.07 -42.34 -15.05
CA TRP C 422 -16.61 -42.22 -15.10
C TRP C 422 -16.19 -41.10 -16.05
N PHE C 423 -16.95 -40.85 -17.11
CA PHE C 423 -16.71 -39.66 -17.93
C PHE C 423 -16.93 -38.38 -17.13
N GLY C 424 -17.96 -38.36 -16.29
CA GLY C 424 -18.16 -37.21 -15.43
C GLY C 424 -16.99 -36.97 -14.50
N TYR C 425 -16.51 -38.03 -13.86
CA TYR C 425 -15.34 -37.89 -12.99
C TYR C 425 -14.10 -37.48 -13.78
N LEU C 426 -14.00 -37.93 -15.03
CA LEU C 426 -12.90 -37.53 -15.88
C LEU C 426 -12.97 -36.05 -16.19
N ASN C 427 -14.17 -35.51 -16.39
CA ASN C 427 -14.33 -34.06 -16.48
C ASN C 427 -13.84 -33.39 -15.21
N SER C 428 -14.18 -33.97 -14.06
CA SER C 428 -13.75 -33.39 -12.79
C SER C 428 -12.24 -33.34 -12.68
N THR C 429 -11.54 -34.35 -13.21
CA THR C 429 -10.08 -34.34 -13.14
C THR C 429 -9.47 -33.45 -14.23
N PHE C 430 -10.20 -33.24 -15.33
CA PHE C 430 -9.69 -32.39 -16.40
C PHE C 430 -9.84 -30.90 -16.09
N ASN C 431 -10.86 -30.52 -15.32
CA ASN C 431 -11.12 -29.11 -15.07
C ASN C 431 -9.94 -28.31 -14.53
N PRO C 432 -9.21 -28.76 -13.50
CA PRO C 432 -8.10 -27.94 -13.00
C PRO C 432 -6.86 -27.98 -13.87
N MET C 433 -6.77 -28.92 -14.81
CA MET C 433 -5.69 -28.90 -15.79
C MET C 433 -5.97 -27.97 -16.95
N VAL C 434 -7.22 -27.52 -17.09
CA VAL C 434 -7.59 -26.61 -18.18
C VAL C 434 -7.74 -25.19 -17.68
N TYR C 435 -8.35 -24.98 -16.51
CA TYR C 435 -8.62 -23.63 -16.05
C TYR C 435 -7.45 -23.00 -15.29
N ALA C 436 -6.43 -23.77 -14.92
CA ALA C 436 -5.29 -23.21 -14.21
C ALA C 436 -3.97 -23.41 -14.94
N PHE C 437 -3.62 -24.64 -15.30
CA PHE C 437 -2.30 -24.91 -15.86
C PHE C 437 -2.14 -24.39 -17.29
N PHE C 438 -3.25 -24.18 -18.00
CA PHE C 438 -3.17 -23.76 -19.38
C PHE C 438 -2.71 -22.30 -19.53
N TYR C 439 -2.65 -21.54 -18.43
CA TYR C 439 -2.31 -20.13 -18.58
C TYR C 439 -0.87 -19.87 -18.16
N PRO C 440 -0.22 -18.87 -18.74
CA PRO C 440 1.23 -18.72 -18.52
C PRO C 440 1.58 -18.20 -17.15
N TRP C 441 0.80 -17.27 -16.59
CA TRP C 441 1.15 -16.69 -15.30
C TRP C 441 1.12 -17.74 -14.19
N PHE C 442 0.10 -18.60 -14.21
CA PHE C 442 0.01 -19.62 -13.18
C PHE C 442 1.14 -20.64 -13.30
N ARG C 443 1.51 -21.01 -14.53
CA ARG C 443 2.65 -21.88 -14.72
C ARG C 443 3.94 -21.23 -14.22
N LYS C 444 4.10 -19.93 -14.48
CA LYS C 444 5.28 -19.22 -14.01
C LYS C 444 5.35 -19.24 -12.49
N ALA C 445 4.22 -18.98 -11.83
CA ALA C 445 4.19 -19.03 -10.37
C ALA C 445 4.51 -20.42 -9.85
N LEU C 446 3.94 -21.46 -10.47
CA LEU C 446 4.20 -22.82 -10.04
C LEU C 446 5.67 -23.20 -10.22
N LYS C 447 6.27 -22.81 -11.35
CA LYS C 447 7.67 -23.10 -11.59
C LYS C 447 8.58 -22.35 -10.62
N MET C 448 8.19 -21.13 -10.26
CA MET C 448 8.94 -20.41 -9.22
C MET C 448 8.81 -21.11 -7.87
N MET C 449 7.66 -21.73 -7.61
CA MET C 449 7.48 -22.46 -6.35
C MET C 449 8.47 -23.62 -6.22
N LEU C 450 8.65 -24.38 -7.29
CA LEU C 450 9.56 -25.53 -7.25
C LEU C 450 11.01 -25.08 -7.42
N VAL D 2 -11.68 25.82 21.56
CA VAL D 2 -12.34 24.64 22.09
C VAL D 2 -13.13 25.00 23.35
N GLN D 3 -14.34 24.43 23.47
CA GLN D 3 -15.20 24.67 24.61
C GLN D 3 -16.30 23.63 24.63
N LEU D 4 -16.71 23.21 25.83
CA LEU D 4 -17.78 22.25 26.01
C LEU D 4 -18.92 22.93 26.77
N VAL D 5 -20.13 22.82 26.22
CA VAL D 5 -21.31 23.46 26.79
C VAL D 5 -22.40 22.42 26.97
N GLU D 6 -23.14 22.53 28.08
CA GLU D 6 -24.20 21.60 28.41
C GLU D 6 -25.47 22.36 28.76
N SER D 7 -26.60 21.68 28.60
CA SER D 7 -27.91 22.27 28.89
C SER D 7 -28.75 21.28 29.69
N GLY D 8 -29.68 21.81 30.47
CA GLY D 8 -30.55 20.98 31.28
C GLY D 8 -30.59 21.39 32.74
N GLY D 9 -30.54 20.41 33.63
CA GLY D 9 -30.54 20.67 35.05
C GLY D 9 -31.94 20.88 35.62
N GLY D 10 -31.96 21.27 36.88
CA GLY D 10 -33.20 21.52 37.60
C GLY D 10 -33.58 20.37 38.51
N LEU D 11 -34.69 20.58 39.21
CA LEU D 11 -35.22 19.58 40.14
C LEU D 11 -36.30 18.78 39.45
N VAL D 12 -36.24 17.46 39.59
CA VAL D 12 -37.15 16.54 38.92
C VAL D 12 -37.78 15.63 39.97
N GLN D 13 -39.10 15.45 39.90
CA GLN D 13 -39.78 14.53 40.78
C GLN D 13 -39.40 13.09 40.44
N PRO D 14 -39.35 12.21 41.44
CA PRO D 14 -38.96 10.82 41.17
C PRO D 14 -39.92 10.13 40.23
N GLY D 15 -39.39 9.22 39.42
CA GLY D 15 -40.17 8.48 38.46
C GLY D 15 -40.31 9.13 37.09
N GLY D 16 -39.85 10.35 36.93
CA GLY D 16 -39.95 11.05 35.66
C GLY D 16 -38.78 10.73 34.73
N SER D 17 -38.76 11.45 33.60
CA SER D 17 -37.71 11.30 32.61
C SER D 17 -37.29 12.67 32.10
N ARG D 18 -35.99 12.81 31.84
CA ARG D 18 -35.42 14.05 31.34
C ARG D 18 -34.35 13.74 30.31
N LYS D 19 -34.08 14.71 29.46
CA LYS D 19 -33.07 14.59 28.40
C LYS D 19 -32.15 15.79 28.46
N LEU D 20 -30.86 15.54 28.72
CA LEU D 20 -29.84 16.57 28.77
C LEU D 20 -28.77 16.29 27.72
N SER D 21 -28.09 17.36 27.30
CA SER D 21 -27.12 17.26 26.22
C SER D 21 -25.86 18.06 26.57
N CYS D 22 -24.71 17.49 26.22
CA CYS D 22 -23.43 18.16 26.30
C CYS D 22 -23.00 18.49 24.88
N SER D 23 -23.26 19.73 24.45
CA SER D 23 -22.96 20.14 23.08
C SER D 23 -21.48 20.49 22.94
N ALA D 24 -20.90 20.07 21.83
CA ALA D 24 -19.48 20.27 21.55
C ALA D 24 -19.30 21.08 20.28
N SER D 25 -18.38 22.04 20.32
CA SER D 25 -18.12 22.89 19.17
C SER D 25 -16.72 23.46 19.29
N GLY D 26 -15.89 23.25 18.27
CA GLY D 26 -14.54 23.79 18.26
C GLY D 26 -13.46 22.74 18.09
N PHE D 27 -13.85 21.50 17.80
CA PHE D 27 -12.89 20.42 17.62
C PHE D 27 -13.54 19.32 16.79
N ALA D 28 -12.78 18.24 16.57
CA ALA D 28 -13.25 17.10 15.80
C ALA D 28 -13.95 16.14 16.75
N PHE D 29 -15.27 16.27 16.86
CA PHE D 29 -16.05 15.44 17.76
C PHE D 29 -16.13 13.99 17.30
N SER D 30 -15.83 13.72 16.03
CA SER D 30 -15.96 12.38 15.47
C SER D 30 -14.70 11.54 15.62
N SER D 31 -13.66 12.06 16.28
CA SER D 31 -12.42 11.30 16.49
C SER D 31 -12.02 11.28 17.96
N PHE D 32 -12.94 11.56 18.87
CA PHE D 32 -12.66 11.61 20.30
C PHE D 32 -13.61 10.68 21.05
N GLY D 33 -13.06 9.86 21.92
CA GLY D 33 -13.89 9.10 22.84
C GLY D 33 -14.53 10.02 23.87
N MET D 34 -15.71 9.62 24.34
CA MET D 34 -16.49 10.44 25.27
C MET D 34 -16.78 9.66 26.54
N HIS D 35 -16.67 10.35 27.67
CA HIS D 35 -16.88 9.77 28.99
C HIS D 35 -17.90 10.61 29.75
N TRP D 36 -18.26 10.13 30.93
CA TRP D 36 -19.12 10.84 31.86
C TRP D 36 -18.70 10.48 33.28
N VAL D 37 -18.71 11.47 34.18
CA VAL D 37 -18.29 11.26 35.55
C VAL D 37 -19.37 11.77 36.49
N ARG D 38 -19.33 11.28 37.72
CA ARG D 38 -20.32 11.57 38.75
C ARG D 38 -19.61 12.00 40.03
N GLN D 39 -20.00 13.15 40.57
CA GLN D 39 -19.39 13.66 41.79
C GLN D 39 -20.45 14.33 42.65
N ALA D 40 -20.71 13.76 43.83
CA ALA D 40 -21.63 14.37 44.76
C ALA D 40 -21.02 15.66 45.33
N PRO D 41 -21.86 16.64 45.66
CA PRO D 41 -21.33 17.89 46.21
C PRO D 41 -20.54 17.71 47.49
N GLU D 42 -20.82 16.68 48.27
CA GLU D 42 -20.14 16.44 49.54
C GLU D 42 -19.37 15.12 49.55
N LYS D 43 -19.09 14.55 48.38
CA LYS D 43 -18.38 13.28 48.27
C LYS D 43 -17.37 13.38 47.14
N GLY D 44 -16.82 12.24 46.75
CA GLY D 44 -15.80 12.17 45.72
C GLY D 44 -16.36 12.01 44.33
N LEU D 45 -15.50 11.60 43.41
CA LEU D 45 -15.83 11.44 42.00
C LEU D 45 -16.14 9.98 41.70
N GLU D 46 -16.96 9.75 40.68
CA GLU D 46 -17.38 8.41 40.31
C GLU D 46 -17.58 8.33 38.80
N TRP D 47 -17.43 7.12 38.27
CA TRP D 47 -17.56 6.87 36.84
C TRP D 47 -19.03 6.69 36.48
N VAL D 48 -19.35 6.97 35.21
CA VAL D 48 -20.72 6.85 34.73
C VAL D 48 -20.80 5.89 33.55
N ALA D 49 -20.11 6.21 32.46
CA ALA D 49 -20.21 5.43 31.23
C ALA D 49 -18.99 5.72 30.36
N TYR D 50 -18.99 5.14 29.16
CA TYR D 50 -17.92 5.34 28.19
C TYR D 50 -18.41 4.87 26.83
N ILE D 51 -18.20 5.71 25.82
CA ILE D 51 -18.59 5.40 24.44
C ILE D 51 -17.40 5.64 23.52
N SER D 52 -17.12 4.66 22.66
CA SER D 52 -16.00 4.75 21.76
C SER D 52 -16.30 5.74 20.62
N SER D 53 -15.27 6.03 19.82
CA SER D 53 -15.42 7.01 18.74
C SER D 53 -16.35 6.48 17.66
N GLY D 54 -16.19 5.22 17.26
CA GLY D 54 -16.99 4.64 16.20
C GLY D 54 -18.25 3.96 16.70
N SER D 55 -18.56 4.12 17.99
CA SER D 55 -19.73 3.53 18.62
C SER D 55 -19.76 2.01 18.46
N GLY D 56 -18.58 1.38 18.48
CA GLY D 56 -18.50 -0.07 18.38
C GLY D 56 -18.29 -0.73 19.72
N THR D 57 -17.69 0.02 20.66
CA THR D 57 -17.45 -0.47 22.01
C THR D 57 -18.24 0.41 22.98
N ILE D 58 -19.11 -0.21 23.77
CA ILE D 58 -19.97 0.51 24.71
C ILE D 58 -19.80 -0.13 26.08
N TYR D 59 -19.34 0.66 27.05
CA TYR D 59 -19.15 0.21 28.41
C TYR D 59 -20.04 1.02 29.34
N TYR D 60 -20.49 0.37 30.42
CA TYR D 60 -21.33 1.00 31.42
C TYR D 60 -20.83 0.64 32.81
N ALA D 61 -21.17 1.49 33.78
CA ALA D 61 -20.80 1.24 35.16
C ALA D 61 -21.56 0.04 35.71
N ASP D 62 -20.90 -0.70 36.60
CA ASP D 62 -21.53 -1.87 37.21
C ASP D 62 -22.75 -1.49 38.04
N THR D 63 -22.79 -0.25 38.54
CA THR D 63 -23.95 0.20 39.31
C THR D 63 -25.20 0.27 38.43
N VAL D 64 -25.09 0.91 37.27
CA VAL D 64 -26.19 1.06 36.34
C VAL D 64 -25.73 0.57 34.98
N LYS D 65 -26.32 -0.52 34.50
CA LYS D 65 -25.97 -1.10 33.21
C LYS D 65 -27.10 -1.07 32.20
N GLY D 66 -28.29 -1.54 32.57
CA GLY D 66 -29.41 -1.60 31.66
C GLY D 66 -30.46 -0.52 31.83
N ARG D 67 -30.20 0.53 32.60
CA ARG D 67 -31.15 1.61 32.82
C ARG D 67 -30.75 2.89 32.12
N PHE D 68 -29.49 3.31 32.26
CA PHE D 68 -29.01 4.50 31.57
C PHE D 68 -28.77 4.21 30.09
N THR D 69 -28.97 5.24 29.28
CA THR D 69 -28.76 5.13 27.83
C THR D 69 -28.00 6.36 27.34
N ILE D 70 -27.23 6.16 26.27
CA ILE D 70 -26.41 7.22 25.68
C ILE D 70 -26.67 7.26 24.19
N SER D 71 -26.37 8.42 23.59
CA SER D 71 -26.51 8.59 22.15
C SER D 71 -25.65 9.77 21.71
N ARG D 72 -25.13 9.68 20.49
CA ARG D 72 -24.29 10.70 19.91
C ARG D 72 -24.77 11.02 18.50
N ASP D 73 -24.52 12.25 18.06
CA ASP D 73 -24.94 12.71 16.73
C ASP D 73 -23.73 13.38 16.08
N ASP D 74 -23.05 12.63 15.21
CA ASP D 74 -21.82 13.13 14.59
C ASP D 74 -22.04 14.39 13.74
N PRO D 75 -23.05 14.48 12.86
CA PRO D 75 -23.19 15.70 12.06
C PRO D 75 -23.37 16.96 12.88
N LYS D 76 -24.10 16.89 13.99
CA LYS D 76 -24.32 18.06 14.83
C LYS D 76 -23.34 18.16 15.98
N ASN D 77 -22.49 17.15 16.17
CA ASN D 77 -21.53 17.11 17.28
C ASN D 77 -22.25 17.28 18.62
N THR D 78 -23.36 16.57 18.78
CA THR D 78 -24.17 16.61 19.98
C THR D 78 -24.26 15.22 20.60
N LEU D 79 -24.28 15.18 21.93
CA LEU D 79 -24.35 13.94 22.69
C LEU D 79 -25.47 14.06 23.71
N PHE D 80 -26.26 13.01 23.87
CA PHE D 80 -27.48 13.05 24.67
C PHE D 80 -27.48 11.97 25.74
N LEU D 81 -28.08 12.29 26.88
CA LEU D 81 -28.36 11.34 27.94
C LEU D 81 -29.85 11.39 28.27
N GLN D 82 -30.48 10.22 28.35
CA GLN D 82 -31.88 10.10 28.73
C GLN D 82 -31.97 9.36 30.05
N MET D 83 -32.69 9.95 31.01
CA MET D 83 -32.83 9.39 32.34
C MET D 83 -34.16 8.65 32.47
N THR D 84 -34.11 7.42 32.99
CA THR D 84 -35.30 6.60 33.18
C THR D 84 -35.35 6.16 34.64
N SER D 85 -36.47 6.44 35.31
CA SER D 85 -36.70 6.04 36.69
C SER D 85 -35.59 6.56 37.61
N LEU D 86 -35.47 7.88 37.68
CA LEU D 86 -34.44 8.50 38.50
C LEU D 86 -34.71 8.29 39.98
N ARG D 87 -33.64 8.20 40.75
CA ARG D 87 -33.70 7.97 42.19
C ARG D 87 -33.10 9.17 42.93
N SER D 88 -33.39 9.23 44.23
CA SER D 88 -32.88 10.31 45.06
C SER D 88 -31.36 10.26 45.17
N GLU D 89 -30.80 9.05 45.26
CA GLU D 89 -29.34 8.91 45.31
C GLU D 89 -28.67 9.44 44.05
N ASP D 90 -29.37 9.37 42.92
CA ASP D 90 -28.83 9.85 41.65
C ASP D 90 -28.89 11.38 41.62
N THR D 91 -28.08 11.98 42.48
CA THR D 91 -28.01 13.43 42.62
C THR D 91 -26.55 13.80 42.83
N ALA D 92 -25.90 14.32 41.79
CA ALA D 92 -24.48 14.64 41.84
C ALA D 92 -24.16 15.59 40.69
N MET D 93 -22.87 15.81 40.47
CA MET D 93 -22.38 16.65 39.39
C MET D 93 -21.96 15.77 38.22
N TYR D 94 -22.45 16.10 37.02
CA TYR D 94 -22.19 15.30 35.83
C TYR D 94 -21.36 16.12 34.85
N TYR D 95 -20.24 15.54 34.41
CA TYR D 95 -19.33 16.19 33.48
C TYR D 95 -19.14 15.31 32.25
N CYS D 96 -18.96 15.97 31.10
CA CYS D 96 -18.62 15.28 29.85
C CYS D 96 -17.15 15.53 29.55
N VAL D 97 -16.38 14.45 29.43
CA VAL D 97 -14.92 14.52 29.38
C VAL D 97 -14.44 14.03 28.02
N ARG D 98 -13.48 14.76 27.45
CA ARG D 98 -12.86 14.41 26.19
C ARG D 98 -11.71 13.43 26.41
N SER D 99 -11.50 12.55 25.44
CA SER D 99 -10.38 11.63 25.49
C SER D 99 -10.13 11.05 24.11
N ILE D 100 -8.86 10.85 23.78
CA ILE D 100 -8.44 10.22 22.53
C ILE D 100 -7.37 9.19 22.85
N TYR D 101 -7.46 8.02 22.21
CA TYR D 101 -6.63 6.88 22.57
C TYR D 101 -5.75 6.48 21.39
N TYR D 102 -4.45 6.73 21.53
CA TYR D 102 -3.43 6.13 20.67
C TYR D 102 -2.12 6.22 21.44
N TYR D 103 -1.08 5.60 20.87
CA TYR D 103 0.21 5.57 21.56
C TYR D 103 0.71 7.00 21.80
N GLY D 104 1.16 7.26 23.03
CA GLY D 104 1.64 8.57 23.40
C GLY D 104 0.56 9.59 23.72
N SER D 105 -0.71 9.18 23.72
CA SER D 105 -1.79 10.12 23.96
C SER D 105 -1.91 10.44 25.46
N SER D 106 -2.73 11.44 25.76
CA SER D 106 -2.99 11.88 27.13
C SER D 106 -4.51 11.93 27.32
N PRO D 107 -5.14 10.80 27.65
CA PRO D 107 -6.59 10.77 27.80
C PRO D 107 -7.05 11.60 29.00
N PHE D 108 -8.35 11.92 28.99
CA PHE D 108 -8.99 12.70 30.05
C PHE D 108 -8.37 14.09 30.17
N ASP D 109 -8.00 14.70 29.04
CA ASP D 109 -7.25 15.96 29.09
C ASP D 109 -8.17 17.17 29.27
N PHE D 110 -9.29 17.20 28.56
CA PHE D 110 -10.18 18.36 28.57
C PHE D 110 -11.48 18.04 29.30
N TRP D 111 -12.02 19.05 29.97
CA TRP D 111 -13.23 18.91 30.77
C TRP D 111 -14.20 20.03 30.44
N GLY D 112 -15.48 19.78 30.66
CA GLY D 112 -16.54 20.74 30.40
C GLY D 112 -16.86 21.60 31.59
N GLN D 113 -18.10 22.09 31.63
CA GLN D 113 -18.59 22.92 32.72
C GLN D 113 -19.54 22.19 33.67
N GLY D 114 -20.38 21.30 33.15
CA GLY D 114 -21.23 20.48 33.97
C GLY D 114 -22.58 21.10 34.26
N THR D 115 -23.50 20.26 34.72
CA THR D 115 -24.84 20.67 35.09
C THR D 115 -25.19 20.11 36.46
N THR D 116 -26.17 20.74 37.11
CA THR D 116 -26.60 20.35 38.45
C THR D 116 -27.97 19.69 38.37
N LEU D 117 -28.06 18.47 38.92
CA LEU D 117 -29.30 17.72 38.98
C LEU D 117 -29.65 17.44 40.44
N THR D 118 -30.88 17.76 40.82
CA THR D 118 -31.36 17.55 42.18
C THR D 118 -32.63 16.70 42.13
N VAL D 119 -32.69 15.69 43.00
CA VAL D 119 -33.85 14.80 43.10
C VAL D 119 -34.39 14.89 44.52
N SER D 120 -35.68 15.16 44.64
CA SER D 120 -36.31 15.27 45.95
C SER D 120 -36.36 13.91 46.64
N SER D 121 -36.24 13.94 47.96
CA SER D 121 -36.27 12.71 48.76
C SER D 121 -37.71 12.27 49.01
N SER D 135 -16.58 -5.11 44.90
CA SER D 135 -16.59 -6.57 44.82
C SER D 135 -15.17 -7.09 44.60
N SER D 136 -15.01 -7.92 43.56
CA SER D 136 -13.70 -8.48 43.21
C SER D 136 -12.84 -7.52 42.40
N ASP D 137 -13.39 -6.37 42.00
CA ASP D 137 -12.61 -5.41 41.24
C ASP D 137 -11.56 -4.74 42.13
N ILE D 138 -10.61 -4.07 41.47
CA ILE D 138 -9.53 -3.41 42.19
C ILE D 138 -10.08 -2.23 42.98
N VAL D 139 -9.80 -2.20 44.28
CA VAL D 139 -10.25 -1.14 45.17
C VAL D 139 -9.04 -0.30 45.55
N MET D 140 -9.26 1.00 45.72
CA MET D 140 -8.19 1.96 45.99
C MET D 140 -8.60 2.90 47.10
N THR D 141 -7.60 3.43 47.81
CA THR D 141 -7.83 4.29 48.95
C THR D 141 -6.72 5.32 49.06
N GLN D 142 -7.00 6.38 49.82
CA GLN D 142 -6.04 7.44 50.10
C GLN D 142 -5.69 7.44 51.58
N ALA D 143 -4.39 7.53 51.89
CA ALA D 143 -3.96 7.44 53.28
C ALA D 143 -4.48 8.61 54.11
N THR D 144 -4.43 9.82 53.57
CA THR D 144 -4.83 11.03 54.29
C THR D 144 -5.96 11.73 53.57
N SER D 145 -6.53 12.74 54.24
CA SER D 145 -7.60 13.54 53.69
C SER D 145 -7.38 15.04 53.82
N SER D 146 -6.56 15.51 54.75
CA SER D 146 -6.28 16.93 54.89
C SER D 146 -5.02 17.14 55.73
N VAL D 147 -4.04 17.86 55.20
CA VAL D 147 -2.79 18.12 55.91
C VAL D 147 -2.44 19.60 55.80
N PRO D 148 -1.80 20.19 56.80
CA PRO D 148 -1.37 21.59 56.70
C PRO D 148 0.02 21.71 56.10
N VAL D 149 0.17 22.67 55.20
CA VAL D 149 1.41 22.91 54.46
C VAL D 149 1.69 24.40 54.45
N THR D 150 2.85 24.77 53.91
CA THR D 150 3.30 26.14 53.83
C THR D 150 3.82 26.45 52.43
N PRO D 151 3.68 27.69 51.98
CA PRO D 151 4.15 28.05 50.63
C PRO D 151 5.66 28.16 50.53
N GLY D 152 6.34 27.05 50.26
CA GLY D 152 7.78 27.07 50.12
C GLY D 152 8.49 25.80 50.57
N GLU D 153 7.76 24.88 51.20
CA GLU D 153 8.30 23.59 51.57
C GLU D 153 7.82 22.52 50.58
N SER D 154 8.15 21.27 50.86
CA SER D 154 7.79 20.15 50.00
C SER D 154 6.54 19.46 50.52
N VAL D 155 5.65 19.10 49.61
CA VAL D 155 4.39 18.44 49.95
C VAL D 155 4.37 17.08 49.27
N SER D 156 4.07 16.04 50.06
CA SER D 156 4.03 14.68 49.55
C SER D 156 2.67 14.06 49.88
N ILE D 157 2.05 13.45 48.88
CA ILE D 157 0.77 12.78 49.02
C ILE D 157 0.91 11.35 48.54
N SER D 158 0.37 10.41 49.32
CA SER D 158 0.49 8.99 49.03
C SER D 158 -0.83 8.44 48.48
N CYS D 159 -0.73 7.56 47.48
CA CYS D 159 -1.88 6.86 46.92
C CYS D 159 -1.60 5.37 46.96
N ARG D 160 -2.62 4.59 47.33
CA ARG D 160 -2.46 3.16 47.50
C ARG D 160 -3.58 2.42 46.77
N SER D 161 -3.24 1.25 46.21
CA SER D 161 -4.17 0.38 45.54
C SER D 161 -4.06 -1.02 46.13
N SER D 162 -5.03 -1.87 45.80
CA SER D 162 -5.11 -3.22 46.34
C SER D 162 -4.49 -4.27 45.43
N LYS D 163 -3.88 -3.87 44.32
CA LYS D 163 -3.29 -4.84 43.39
C LYS D 163 -2.11 -4.19 42.69
N SER D 164 -1.23 -5.04 42.16
CA SER D 164 -0.10 -4.57 41.37
C SER D 164 -0.59 -4.14 39.99
N LEU D 165 -0.52 -2.84 39.72
CA LEU D 165 -1.05 -2.30 38.47
C LEU D 165 -0.07 -2.44 37.31
N LEU D 166 1.15 -2.91 37.56
CA LEU D 166 2.12 -3.09 36.49
C LEU D 166 1.62 -4.12 35.49
N HIS D 167 1.68 -3.78 34.21
CA HIS D 167 1.17 -4.61 33.13
C HIS D 167 2.33 -5.28 32.40
N SER D 168 1.99 -6.32 31.62
CA SER D 168 3.01 -7.06 30.90
C SER D 168 3.77 -6.17 29.92
N ASN D 169 3.08 -5.22 29.29
CA ASN D 169 3.75 -4.30 28.38
C ASN D 169 4.76 -3.43 29.11
N GLY D 170 4.41 -2.95 30.31
CA GLY D 170 5.33 -2.14 31.09
C GLY D 170 4.75 -0.80 31.48
N ASN D 171 3.42 -0.68 31.44
CA ASN D 171 2.73 0.57 31.74
C ASN D 171 2.03 0.47 33.08
N THR D 172 2.27 1.45 33.95
CA THR D 172 1.53 1.59 35.20
C THR D 172 0.55 2.74 35.05
N TYR D 173 -0.73 2.47 35.25
CA TYR D 173 -1.80 3.40 34.91
C TYR D 173 -2.15 4.20 36.16
N LEU D 174 -1.85 5.50 36.13
CA LEU D 174 -2.11 6.38 37.24
C LEU D 174 -2.37 7.79 36.72
N TYR D 175 -3.46 8.40 37.19
CA TYR D 175 -3.83 9.76 36.79
C TYR D 175 -4.06 10.61 38.03
N TRP D 176 -3.61 11.86 37.97
CA TRP D 176 -3.84 12.84 39.03
C TRP D 176 -4.51 14.05 38.42
N PHE D 177 -5.52 14.59 39.10
CA PHE D 177 -6.34 15.65 38.55
C PHE D 177 -6.22 16.96 39.31
N LEU D 178 -6.35 16.93 40.64
CA LEU D 178 -6.18 18.11 41.49
C LEU D 178 -7.12 19.24 41.07
N GLN D 179 -8.41 18.95 41.22
CA GLN D 179 -9.44 19.94 40.93
C GLN D 179 -9.30 21.14 41.85
N ARG D 180 -9.41 22.35 41.27
CA ARG D 180 -9.38 23.56 42.07
C ARG D 180 -10.80 23.94 42.52
N PRO D 181 -10.93 24.63 43.65
CA PRO D 181 -12.26 24.93 44.18
C PRO D 181 -12.99 26.01 43.40
N GLY D 182 -13.69 25.62 42.33
CA GLY D 182 -14.47 26.57 41.56
C GLY D 182 -14.48 26.33 40.08
N GLN D 183 -13.66 25.40 39.60
CA GLN D 183 -13.58 25.09 38.18
C GLN D 183 -13.41 23.60 38.00
N SER D 184 -13.56 23.16 36.75
CA SER D 184 -13.45 21.75 36.41
C SER D 184 -12.02 21.27 36.62
N PRO D 185 -11.82 19.97 36.90
CA PRO D 185 -10.46 19.48 37.15
C PRO D 185 -9.57 19.51 35.91
N GLN D 186 -8.31 19.12 36.08
CA GLN D 186 -7.31 19.18 35.03
C GLN D 186 -6.49 17.89 35.09
N LEU D 187 -5.36 17.87 34.40
CA LEU D 187 -4.42 16.75 34.45
C LEU D 187 -3.05 17.26 34.86
N LEU D 188 -2.37 16.47 35.69
CA LEU D 188 -0.97 16.73 36.04
C LEU D 188 -0.04 15.61 35.60
N ILE D 189 -0.32 14.37 36.01
CA ILE D 189 0.52 13.23 35.70
C ILE D 189 -0.36 12.12 35.16
N TYR D 190 0.05 11.53 34.03
CA TYR D 190 -0.58 10.34 33.49
C TYR D 190 0.50 9.28 33.27
N ARG D 191 0.10 8.02 33.40
CA ARG D 191 1.02 6.87 33.40
C ARG D 191 2.04 6.94 34.54
N MET D 192 1.71 7.69 35.59
CA MET D 192 2.46 7.74 36.84
C MET D 192 3.79 8.49 36.67
N SER D 193 4.19 8.77 35.43
CA SER D 193 5.47 9.43 35.20
C SER D 193 5.41 10.57 34.18
N ASN D 194 4.43 10.64 33.31
CA ASN D 194 4.42 11.61 32.22
C ASN D 194 3.76 12.91 32.67
N LEU D 195 4.44 14.03 32.39
CA LEU D 195 3.90 15.34 32.72
C LEU D 195 2.76 15.70 31.77
N ALA D 196 1.93 16.63 32.22
CA ALA D 196 0.80 17.11 31.43
C ALA D 196 1.29 18.13 30.41
N SER D 197 0.35 18.84 29.77
CA SER D 197 0.71 19.76 28.70
C SER D 197 1.17 21.11 29.25
N GLY D 198 0.28 21.82 29.95
CA GLY D 198 0.54 23.16 30.41
C GLY D 198 0.86 23.31 31.88
N VAL D 199 1.09 22.22 32.60
CA VAL D 199 1.38 22.30 34.03
C VAL D 199 2.83 22.72 34.23
N PRO D 200 3.16 23.42 35.32
CA PRO D 200 4.55 23.78 35.57
C PRO D 200 5.39 22.56 35.95
N ASP D 201 6.70 22.71 35.80
CA ASP D 201 7.66 21.65 36.11
C ASP D 201 7.90 21.62 37.62
N ARG D 202 6.85 21.24 38.35
CA ARG D 202 6.92 21.15 39.80
C ARG D 202 6.29 19.90 40.38
N PHE D 203 5.65 19.05 39.58
CA PHE D 203 4.97 17.86 40.07
C PHE D 203 5.64 16.61 39.50
N SER D 204 5.64 15.55 40.31
CA SER D 204 6.22 14.28 39.89
C SER D 204 5.56 13.15 40.67
N GLY D 205 5.70 11.94 40.14
CA GLY D 205 5.14 10.76 40.79
C GLY D 205 6.08 9.59 40.66
N SER D 206 6.01 8.69 41.63
CA SER D 206 6.87 7.51 41.65
C SER D 206 6.21 6.44 42.51
N GLY D 207 6.71 5.22 42.35
CA GLY D 207 6.18 4.10 43.12
C GLY D 207 6.95 2.83 42.82
N SER D 208 6.55 1.76 43.50
CA SER D 208 7.18 0.46 43.34
C SER D 208 6.25 -0.60 42.76
N GLY D 209 4.99 -0.27 42.49
CA GLY D 209 4.05 -1.23 41.95
C GLY D 209 2.84 -1.43 42.83
N THR D 210 2.95 -1.05 44.09
CA THR D 210 1.86 -1.20 45.06
C THR D 210 1.33 0.15 45.55
N ALA D 211 2.20 1.02 46.02
CA ALA D 211 1.81 2.33 46.54
C ALA D 211 2.48 3.43 45.73
N PHE D 212 1.74 4.50 45.47
CA PHE D 212 2.21 5.61 44.66
C PHE D 212 2.23 6.89 45.50
N THR D 213 3.18 7.77 45.19
CA THR D 213 3.35 9.02 45.89
C THR D 213 3.48 10.16 44.90
N LEU D 214 3.00 11.33 45.30
CA LEU D 214 3.12 12.55 44.51
C LEU D 214 3.88 13.59 45.32
N THR D 215 4.79 14.29 44.65
CA THR D 215 5.63 15.31 45.28
C THR D 215 5.50 16.62 44.52
N ILE D 216 5.52 17.73 45.26
CA ILE D 216 5.49 19.06 44.70
C ILE D 216 6.72 19.82 45.17
N SER D 217 7.46 20.41 44.24
CA SER D 217 8.70 21.10 44.60
C SER D 217 8.40 22.43 45.28
N ARG D 218 7.70 23.33 44.58
CA ARG D 218 7.37 24.65 45.10
C ARG D 218 5.86 24.82 45.15
N LEU D 219 5.39 25.58 46.13
CA LEU D 219 3.98 25.78 46.37
C LEU D 219 3.64 27.25 46.12
N GLU D 220 2.57 27.48 45.36
CA GLU D 220 2.13 28.82 45.01
C GLU D 220 0.64 28.95 45.31
N ALA D 221 0.08 30.13 45.04
CA ALA D 221 -1.33 30.37 45.30
C ALA D 221 -2.24 29.58 44.36
N GLU D 222 -1.70 29.07 43.26
CA GLU D 222 -2.49 28.30 42.30
C GLU D 222 -2.68 26.85 42.70
N ASP D 223 -1.93 26.36 43.68
CA ASP D 223 -2.00 24.96 44.08
C ASP D 223 -3.12 24.67 45.08
N VAL D 224 -3.88 25.68 45.48
CA VAL D 224 -4.96 25.48 46.44
C VAL D 224 -6.07 24.68 45.77
N GLY D 225 -6.43 23.55 46.37
CA GLY D 225 -7.46 22.70 45.82
C GLY D 225 -7.43 21.32 46.47
N VAL D 226 -8.15 20.41 45.85
CA VAL D 226 -8.26 19.02 46.30
C VAL D 226 -7.70 18.11 45.21
N TYR D 227 -6.84 17.19 45.60
CA TYR D 227 -6.19 16.28 44.67
C TYR D 227 -6.98 14.98 44.54
N TYR D 228 -6.99 14.43 43.34
CA TYR D 228 -7.68 13.18 43.04
C TYR D 228 -6.70 12.16 42.46
N CYS D 229 -6.85 10.92 42.88
CA CYS D 229 -6.03 9.81 42.39
C CYS D 229 -6.90 8.88 41.55
N MET D 230 -6.35 8.40 40.44
CA MET D 230 -7.12 7.64 39.47
C MET D 230 -6.42 6.36 39.04
N GLN D 231 -7.24 5.40 38.62
CA GLN D 231 -6.80 4.11 38.11
C GLN D 231 -7.57 3.79 36.84
N HIS D 232 -6.89 3.25 35.84
CA HIS D 232 -7.51 2.86 34.57
C HIS D 232 -6.92 1.52 34.15
N LEU D 233 -7.54 0.44 34.58
CA LEU D 233 -7.13 -0.90 34.17
C LEU D 233 -8.27 -1.70 33.55
N GLU D 234 -9.49 -1.60 34.09
CA GLU D 234 -10.62 -2.37 33.61
C GLU D 234 -11.83 -1.46 33.44
N TYR D 235 -12.97 -2.07 33.15
CA TYR D 235 -14.19 -1.31 32.92
C TYR D 235 -14.63 -0.45 34.09
N PRO D 236 -14.62 -0.90 35.36
CA PRO D 236 -15.22 -0.09 36.43
C PRO D 236 -14.66 1.32 36.55
N LEU D 237 -13.35 1.50 36.35
CA LEU D 237 -12.72 2.82 36.40
C LEU D 237 -12.96 3.48 37.77
N THR D 238 -12.38 2.87 38.80
CA THR D 238 -12.54 3.37 40.15
C THR D 238 -11.84 4.72 40.32
N PHE D 239 -12.36 5.52 41.25
CA PHE D 239 -11.81 6.83 41.57
C PHE D 239 -11.28 6.84 43.01
N GLY D 240 -10.74 7.98 43.41
CA GLY D 240 -10.19 8.16 44.73
C GLY D 240 -11.15 8.85 45.67
N ALA D 241 -10.60 9.35 46.78
CA ALA D 241 -11.37 10.03 47.80
C ALA D 241 -11.20 11.55 47.77
N GLY D 242 -9.96 12.02 47.76
CA GLY D 242 -9.69 13.45 47.70
C GLY D 242 -8.99 13.93 48.97
N THR D 243 -8.06 14.86 48.80
CA THR D 243 -7.30 15.44 49.90
C THR D 243 -7.32 16.97 49.72
N LYS D 244 -8.13 17.65 50.53
CA LYS D 244 -8.21 19.10 50.47
C LYS D 244 -6.99 19.73 51.12
N LEU D 245 -6.48 20.79 50.50
CA LEU D 245 -5.31 21.51 51.00
C LEU D 245 -5.75 22.91 51.43
N GLU D 246 -5.42 23.27 52.66
CA GLU D 246 -5.73 24.57 53.23
C GLU D 246 -4.44 25.30 53.56
N LEU D 247 -4.35 26.56 53.14
CA LEU D 247 -3.17 27.37 53.41
C LEU D 247 -3.51 28.53 54.34
N THR E 6 31.24 38.61 -20.11
CA THR E 6 31.11 37.24 -20.58
C THR E 6 30.69 36.31 -19.43
N ALA E 7 29.60 35.56 -19.64
CA ALA E 7 29.12 34.67 -18.60
C ALA E 7 30.06 33.47 -18.42
N SER E 8 30.67 33.00 -19.49
CA SER E 8 31.50 31.80 -19.42
C SER E 8 32.74 32.03 -18.55
N ILE E 9 33.37 33.19 -18.68
CA ILE E 9 34.57 33.46 -17.89
C ILE E 9 34.21 33.61 -16.42
N ALA E 10 33.01 34.11 -16.13
CA ALA E 10 32.57 34.22 -14.74
C ALA E 10 32.43 32.84 -14.10
N GLN E 11 31.90 31.87 -14.84
CA GLN E 11 31.81 30.50 -14.33
C GLN E 11 33.18 29.92 -14.07
N ALA E 12 34.13 30.19 -14.97
CA ALA E 12 35.49 29.69 -14.80
C ALA E 12 36.12 30.25 -13.53
N ARG E 13 35.85 31.52 -13.21
CA ARG E 13 36.40 32.11 -11.99
C ARG E 13 35.87 31.38 -10.76
N LYS E 14 34.57 31.09 -10.73
CA LYS E 14 33.99 30.38 -9.60
C LYS E 14 34.57 28.97 -9.49
N LEU E 15 34.72 28.29 -10.63
CA LEU E 15 35.30 26.94 -10.62
C LEU E 15 36.73 26.96 -10.10
N VAL E 16 37.52 27.94 -10.53
CA VAL E 16 38.91 28.04 -10.07
C VAL E 16 38.95 28.35 -8.58
N GLU E 17 38.05 29.21 -8.10
CA GLU E 17 37.97 29.49 -6.67
C GLU E 17 37.65 28.24 -5.88
N GLN E 18 36.69 27.45 -6.38
CA GLN E 18 36.32 26.20 -5.71
C GLN E 18 37.50 25.24 -5.67
N LEU E 19 38.24 25.12 -6.79
CA LEU E 19 39.39 24.22 -6.82
C LEU E 19 40.48 24.70 -5.86
N LYS E 20 40.73 26.01 -5.82
CA LYS E 20 41.74 26.54 -4.91
C LYS E 20 41.37 26.28 -3.46
N MET E 21 40.08 26.44 -3.12
CA MET E 21 39.64 26.13 -1.77
C MET E 21 39.82 24.64 -1.48
N GLU E 22 39.48 23.79 -2.46
CA GLU E 22 39.64 22.35 -2.28
C GLU E 22 41.10 21.97 -2.09
N ALA E 23 42.03 22.78 -2.60
CA ALA E 23 43.45 22.51 -2.49
C ALA E 23 44.03 22.96 -1.14
N ASN E 24 43.20 23.16 -0.13
CA ASN E 24 43.65 23.67 1.17
C ASN E 24 43.56 22.65 2.29
N ILE E 25 42.71 21.64 2.16
CA ILE E 25 42.51 20.69 3.25
C ILE E 25 43.75 19.81 3.42
N ASP E 26 44.12 19.57 4.68
CA ASP E 26 45.19 18.65 5.00
C ASP E 26 44.65 17.24 5.12
N ARG E 27 45.54 16.26 4.88
CA ARG E 27 45.16 14.86 4.85
C ARG E 27 46.14 14.04 5.68
N ILE E 28 45.69 12.86 6.09
CA ILE E 28 46.51 11.96 6.90
C ILE E 28 46.61 10.60 6.22
N LYS E 29 47.35 9.68 6.81
CA LYS E 29 47.53 8.35 6.26
C LYS E 29 46.26 7.54 6.39
N VAL E 30 46.03 6.66 5.41
CA VAL E 30 44.84 5.81 5.42
C VAL E 30 44.89 4.83 6.60
N SER E 31 46.10 4.49 7.05
CA SER E 31 46.24 3.53 8.15
C SER E 31 45.59 4.04 9.42
N LYS E 32 45.77 5.33 9.72
CA LYS E 32 45.13 5.90 10.91
C LYS E 32 43.62 5.85 10.80
N ALA E 33 43.08 6.14 9.61
CA ALA E 33 41.64 6.10 9.40
C ALA E 33 41.10 4.69 9.62
N ALA E 34 41.76 3.70 9.02
CA ALA E 34 41.32 2.31 9.20
C ALA E 34 41.41 1.89 10.65
N ALA E 35 42.47 2.32 11.34
CA ALA E 35 42.63 2.02 12.76
C ALA E 35 41.46 2.57 13.55
N ASP E 36 41.08 3.82 13.26
CA ASP E 36 39.91 4.39 13.91
C ASP E 36 38.66 3.59 13.61
N LEU E 37 38.51 3.14 12.35
CA LEU E 37 37.32 2.40 11.97
C LEU E 37 37.17 1.10 12.78
N MET E 38 38.20 0.25 12.80
CA MET E 38 37.96 -1.02 13.49
C MET E 38 38.02 -0.82 15.01
N ALA E 39 38.72 0.21 15.47
CA ALA E 39 38.72 0.51 16.90
C ALA E 39 37.31 0.88 17.36
N TYR E 40 36.60 1.68 16.57
CA TYR E 40 35.20 1.96 16.90
C TYR E 40 34.34 0.71 16.73
N CYS E 41 34.65 -0.10 15.72
CA CYS E 41 33.80 -1.25 15.42
C CYS E 41 33.82 -2.29 16.53
N GLU E 42 35.01 -2.65 17.01
CA GLU E 42 35.13 -3.70 18.01
C GLU E 42 34.64 -3.23 19.38
N ALA E 43 34.90 -1.96 19.71
CA ALA E 43 34.56 -1.45 21.04
C ALA E 43 33.06 -1.43 21.27
N HIS E 44 32.28 -1.11 20.24
CA HIS E 44 30.82 -1.01 20.36
C HIS E 44 30.13 -2.22 19.75
N ALA E 45 30.73 -3.39 19.89
CA ALA E 45 30.17 -4.62 19.34
C ALA E 45 29.21 -5.32 20.28
N LYS E 46 29.04 -4.83 21.51
CA LYS E 46 28.16 -5.50 22.46
C LYS E 46 26.70 -5.16 22.18
N GLU E 47 26.41 -3.92 21.81
CA GLU E 47 25.03 -3.50 21.54
C GLU E 47 24.72 -3.61 20.04
N ASP E 48 24.74 -4.84 19.54
CA ASP E 48 24.42 -5.09 18.15
C ASP E 48 23.41 -6.22 18.00
N PRO E 49 22.16 -6.00 18.40
CA PRO E 49 21.16 -7.09 18.37
C PRO E 49 20.89 -7.62 16.97
N LEU E 50 21.45 -7.00 15.94
CA LEU E 50 21.36 -7.52 14.59
C LEU E 50 22.39 -8.61 14.30
N LEU E 51 23.60 -8.48 14.84
CA LEU E 51 24.66 -9.45 14.59
C LEU E 51 24.67 -10.56 15.64
N THR E 52 24.67 -10.20 16.92
CA THR E 52 24.65 -11.20 17.98
C THR E 52 23.23 -11.32 18.54
N PRO E 53 22.54 -12.43 18.28
CA PRO E 53 21.16 -12.58 18.76
C PRO E 53 21.04 -12.43 20.27
N VAL E 54 20.34 -11.39 20.70
CA VAL E 54 20.07 -11.17 22.12
C VAL E 54 19.03 -12.19 22.58
N PRO E 55 19.03 -12.58 23.86
CA PRO E 55 18.11 -13.63 24.29
C PRO E 55 16.65 -13.21 24.19
N ALA E 56 15.76 -14.15 24.49
CA ALA E 56 14.32 -13.96 24.32
C ALA E 56 13.77 -12.85 25.20
N SER E 57 14.52 -12.47 26.24
CA SER E 57 14.08 -11.38 27.11
C SER E 57 13.95 -10.09 26.31
N GLU E 58 14.89 -9.83 25.41
CA GLU E 58 14.80 -8.70 24.48
C GLU E 58 14.00 -9.11 23.25
N ASN E 59 14.13 -8.36 22.16
CA ASN E 59 13.37 -8.57 20.94
C ASN E 59 11.88 -8.42 21.21
N PRO E 60 11.39 -7.21 21.49
CA PRO E 60 9.94 -7.02 21.68
C PRO E 60 9.12 -7.35 20.44
N PHE E 61 9.74 -7.81 19.36
CA PHE E 61 9.05 -8.22 18.15
C PHE E 61 8.62 -9.68 18.19
N ARG E 62 8.41 -10.23 19.38
CA ARG E 62 8.02 -11.62 19.54
C ARG E 62 6.73 -11.92 18.78
N GLU E 63 6.49 -13.21 18.55
CA GLU E 63 5.30 -13.69 17.86
C GLU E 63 5.14 -13.07 16.47
N 1WE F . -23.96 -39.59 -10.02
CA 1WE F . -24.01 -38.31 -10.74
C 1WE F . -22.80 -38.21 -11.68
CB 1WE F . -25.32 -38.15 -11.51
CG 1WE F . -25.81 -36.72 -11.63
CD1 1WE F . -27.16 -36.45 -11.78
CD2 1WE F . -24.93 -35.65 -11.59
CE1 1WE F . -27.62 -35.14 -11.89
CE2 1WE F . -25.39 -34.35 -11.70
CZ 1WE F . -26.72 -34.10 -11.85
#